data_6KVR
#
_entry.id   6KVR
#
_cell.length_a   84.874
_cell.length_b   68.753
_cell.length_c   100.979
_cell.angle_alpha   90.000
_cell.angle_beta   99.628
_cell.angle_gamma   90.000
#
_symmetry.space_group_name_H-M   'P 1 21 1'
#
loop_
_entity.id
_entity.type
_entity.pdbx_description
1 polymer 'Fatty acid amide hydrolase'
2 water water
#
_entity_poly.entity_id   1
_entity_poly.type   'polypeptide(L)'
_entity_poly.pdbx_seq_one_letter_code
;MSVSYETFLNKDPLDKYEDSEIYTKEWLPKVEKYRQDLKDAIPKNYTIELPKPIDDLIKDQFNAVDYLYSQKLLTPEEFA
ITDLSATELAKKIAAGELSSVEVFKAFAHRATLAHQFTNCA(MSE)ELFIDEGLKQAEERDNYFKEHGKTVGPLHGIPIS
LKEQ(MSE)NYKDKITHGGYVSKIVNIPNSHGVTTSILEKLGAVFYVRTSQPQTL(MSE)HLDSANNFTGLTKNPFNLLL
SSGGSSSGEGAIVGYGGSAIGVGSDIGGSIRAPAAYSGCHGLRPTTKRISVKGGVSSGAGQESVPAVAGP(MSE)ARSID
DLELW(MSE)KAYINEGKPWESDSTSLP(MSE)PWRDVSTPKIGDLTVAIIRDDGLVRVSPPIRRALNTVVEKLKGAGAK
IIEFDPPNTKLAYETVHK(MSE)YNCDGNH(MSE)QRKLLSGSNEPLTKLTKWNLNYGEGAKHYDVASNRELNVTRDQLR
DQYNDF(MSE)VQNKVDFILSPTYNNVAPHSEEVYNWSYTSLWNILDFPTLSFQTGIFQDPTKDKWTEEDTKYKYRSKLE
QLENENYDPSQFVGAPVGLQLSGKRYFDEEVLAAGKAIVDLLGVDLY
;
_entity_poly.pdbx_strand_id   A,B
#
# COMPACT_ATOMS: atom_id res chain seq x y z
N MET A 1 35.12 -23.12 -18.82
CA MET A 1 34.63 -21.75 -18.82
C MET A 1 33.10 -21.76 -18.92
N SER A 2 32.51 -22.65 -19.74
CA SER A 2 31.06 -22.60 -19.95
C SER A 2 30.31 -22.83 -18.63
N VAL A 3 29.24 -22.08 -18.43
CA VAL A 3 28.56 -22.03 -17.14
C VAL A 3 27.48 -23.10 -17.10
N SER A 4 27.46 -23.87 -16.01
CA SER A 4 26.36 -24.77 -15.72
C SER A 4 25.57 -24.23 -14.54
N TYR A 5 24.24 -24.35 -14.60
CA TYR A 5 23.39 -23.75 -13.58
C TYR A 5 23.64 -24.32 -12.19
N GLU A 6 24.18 -25.55 -12.08
CA GLU A 6 24.37 -26.18 -10.78
C GLU A 6 25.35 -25.44 -9.88
N THR A 7 26.30 -24.67 -10.44
CA THR A 7 27.23 -23.95 -9.57
C THR A 7 26.55 -22.80 -8.81
N PHE A 8 25.32 -22.42 -9.17
CA PHE A 8 24.59 -21.42 -8.38
C PHE A 8 23.84 -22.02 -7.20
N LEU A 9 23.71 -23.36 -7.13
CA LEU A 9 22.83 -24.02 -6.17
C LEU A 9 23.50 -24.22 -4.81
N ASN A 10 24.03 -23.15 -4.22
CA ASN A 10 24.79 -23.26 -2.99
C ASN A 10 24.15 -22.47 -1.84
N LYS A 11 22.86 -22.14 -1.95
CA LYS A 11 22.18 -21.38 -0.91
C LYS A 11 21.10 -22.17 -0.20
N ASP A 12 20.56 -23.22 -0.83
CA ASP A 12 19.56 -24.08 -0.22
C ASP A 12 20.00 -25.51 -0.55
N PRO A 13 20.26 -26.35 0.45
CA PRO A 13 20.75 -27.71 0.13
C PRO A 13 19.69 -28.58 -0.52
N LEU A 14 18.40 -28.24 -0.39
CA LEU A 14 17.33 -28.95 -1.09
C LEU A 14 17.22 -30.41 -0.65
N ASP A 15 17.45 -30.69 0.62
CA ASP A 15 17.47 -32.07 1.11
C ASP A 15 16.26 -32.45 1.94
N LYS A 16 15.31 -31.54 2.15
CA LYS A 16 14.10 -31.83 2.91
C LYS A 16 12.86 -31.54 2.08
N TYR A 17 12.93 -31.80 0.77
CA TYR A 17 11.83 -31.54 -0.15
C TYR A 17 11.30 -32.82 -0.80
N GLU A 18 12.16 -33.60 -1.43
CA GLU A 18 11.79 -34.70 -2.31
C GLU A 18 11.86 -36.05 -1.61
N ASP A 19 11.00 -36.97 -2.07
CA ASP A 19 11.03 -38.36 -1.62
C ASP A 19 10.23 -39.23 -2.58
N SER A 20 10.92 -39.91 -3.49
CA SER A 20 10.25 -40.56 -4.61
C SER A 20 9.33 -41.70 -4.17
N GLU A 21 9.63 -42.36 -3.04
CA GLU A 21 8.76 -43.44 -2.60
C GLU A 21 7.42 -42.88 -2.11
N ILE A 22 7.46 -41.86 -1.25
CA ILE A 22 6.22 -41.29 -0.72
C ILE A 22 5.40 -40.65 -1.84
N TYR A 23 6.05 -39.91 -2.74
CA TYR A 23 5.32 -39.32 -3.86
C TYR A 23 4.65 -40.39 -4.70
N THR A 24 5.38 -41.45 -5.07
CA THR A 24 4.79 -42.45 -5.96
C THR A 24 3.60 -43.16 -5.33
N LYS A 25 3.68 -43.45 -4.02
CA LYS A 25 2.58 -44.17 -3.38
C LYS A 25 1.37 -43.28 -3.07
N GLU A 26 1.60 -42.14 -2.41
CA GLU A 26 0.50 -41.34 -1.88
C GLU A 26 -0.04 -40.29 -2.83
N TRP A 27 0.76 -39.81 -3.79
CA TRP A 27 0.32 -38.66 -4.59
C TRP A 27 0.23 -38.92 -6.08
N LEU A 28 1.16 -39.68 -6.65
CA LEU A 28 1.14 -39.95 -8.09
C LEU A 28 -0.18 -40.48 -8.62
N PRO A 29 -0.92 -41.38 -7.94
CA PRO A 29 -2.25 -41.76 -8.47
C PRO A 29 -3.21 -40.59 -8.62
N LYS A 30 -3.23 -39.64 -7.68
CA LYS A 30 -4.13 -38.50 -7.83
C LYS A 30 -3.74 -37.64 -9.02
N VAL A 31 -2.45 -37.55 -9.32
CA VAL A 31 -1.99 -36.77 -10.48
C VAL A 31 -2.45 -37.43 -11.78
N GLU A 32 -2.29 -38.76 -11.87
CA GLU A 32 -2.69 -39.49 -13.08
C GLU A 32 -4.19 -39.33 -13.35
N LYS A 33 -5.03 -39.44 -12.32
CA LYS A 33 -6.45 -39.15 -12.49
C LYS A 33 -6.66 -37.73 -13.01
N TYR A 34 -5.91 -36.75 -12.49
CA TYR A 34 -6.03 -35.38 -12.96
C TYR A 34 -5.65 -35.27 -14.44
N ARG A 35 -4.61 -36.00 -14.86
CA ARG A 35 -4.22 -35.99 -16.26
C ARG A 35 -5.27 -36.64 -17.13
N GLN A 36 -5.83 -37.76 -16.67
CA GLN A 36 -6.87 -38.45 -17.44
C GLN A 36 -8.12 -37.59 -17.56
N ASP A 37 -8.45 -36.86 -16.50
CA ASP A 37 -9.62 -35.99 -16.55
C ASP A 37 -9.45 -34.89 -17.59
N LEU A 38 -8.22 -34.39 -17.78
CA LEU A 38 -8.00 -33.38 -18.81
C LEU A 38 -8.19 -33.99 -20.21
N LYS A 39 -7.60 -35.17 -20.45
CA LYS A 39 -7.81 -35.84 -21.74
C LYS A 39 -9.28 -36.06 -22.01
N ASP A 40 -10.03 -36.53 -21.02
CA ASP A 40 -11.46 -36.79 -21.21
C ASP A 40 -12.22 -35.51 -21.51
N ALA A 41 -11.67 -34.34 -21.18
CA ALA A 41 -12.38 -33.08 -21.35
C ALA A 41 -12.10 -32.40 -22.68
N ILE A 42 -11.25 -32.98 -23.54
CA ILE A 42 -10.97 -32.46 -24.87
C ILE A 42 -12.07 -32.91 -25.83
N PRO A 43 -12.84 -32.00 -26.44
CA PRO A 43 -13.88 -32.43 -27.38
C PRO A 43 -13.28 -32.89 -28.69
N LYS A 44 -13.60 -34.14 -29.08
CA LYS A 44 -12.94 -34.72 -30.26
C LYS A 44 -13.29 -33.97 -31.54
N ASN A 45 -14.52 -33.49 -31.67
CA ASN A 45 -14.88 -32.74 -32.87
C ASN A 45 -14.04 -31.48 -33.02
N TYR A 46 -13.50 -30.95 -31.92
CA TYR A 46 -12.64 -29.77 -31.97
C TYR A 46 -11.17 -30.11 -32.14
N THR A 47 -10.83 -31.39 -32.11
CA THR A 47 -9.45 -31.84 -32.21
C THR A 47 -9.11 -32.13 -33.67
N ILE A 48 -7.86 -32.50 -33.91
CA ILE A 48 -7.33 -32.66 -35.26
C ILE A 48 -6.24 -33.72 -35.22
N GLU A 49 -5.96 -34.32 -36.39
CA GLU A 49 -4.83 -35.22 -36.55
C GLU A 49 -3.59 -34.39 -36.85
N LEU A 50 -2.60 -34.46 -35.96
CA LEU A 50 -1.42 -33.61 -36.07
C LEU A 50 -0.62 -33.95 -37.33
N PRO A 51 0.03 -32.95 -37.95
CA PRO A 51 0.81 -33.23 -39.15
C PRO A 51 1.98 -34.18 -38.92
N LYS A 52 2.58 -34.13 -37.74
CA LYS A 52 3.57 -35.11 -37.27
C LYS A 52 3.34 -35.29 -35.77
N PRO A 53 3.90 -36.33 -35.16
CA PRO A 53 3.85 -36.43 -33.69
C PRO A 53 4.34 -35.12 -33.06
N ILE A 54 3.78 -34.80 -31.89
CA ILE A 54 4.00 -33.48 -31.29
C ILE A 54 5.50 -33.27 -31.01
N ASP A 55 6.21 -34.31 -30.58
CA ASP A 55 7.62 -34.12 -30.28
C ASP A 55 8.46 -33.89 -31.54
N ASP A 56 8.04 -34.39 -32.69
CA ASP A 56 8.68 -34.00 -33.94
C ASP A 56 8.36 -32.56 -34.30
N LEU A 57 7.12 -32.13 -34.08
CA LEU A 57 6.77 -30.74 -34.32
C LEU A 57 7.57 -29.82 -33.42
N ILE A 58 7.88 -30.28 -32.20
CA ILE A 58 8.71 -29.47 -31.31
C ILE A 58 10.13 -29.37 -31.85
N LYS A 59 10.73 -30.50 -32.25
CA LYS A 59 12.10 -30.45 -32.78
C LYS A 59 12.20 -29.54 -33.99
N ASP A 60 11.13 -29.44 -34.76
CA ASP A 60 11.09 -28.74 -36.02
C ASP A 60 10.83 -27.24 -35.88
N GLN A 61 10.66 -26.74 -34.66
CA GLN A 61 10.32 -25.33 -34.46
C GLN A 61 9.04 -24.99 -35.21
N PHE A 62 8.07 -25.90 -35.17
CA PHE A 62 6.79 -25.72 -35.84
C PHE A 62 6.12 -24.42 -35.38
N ASN A 63 5.64 -23.63 -36.34
CA ASN A 63 4.88 -22.40 -36.05
C ASN A 63 3.41 -22.76 -36.10
N ALA A 64 2.81 -23.03 -34.93
CA ALA A 64 1.42 -23.48 -34.91
C ALA A 64 0.46 -22.38 -35.36
N VAL A 65 0.79 -21.11 -35.11
CA VAL A 65 -0.09 -20.02 -35.53
C VAL A 65 -0.18 -19.95 -37.06
N ASP A 66 0.96 -20.11 -37.74
CA ASP A 66 0.95 -20.12 -39.20
C ASP A 66 0.10 -21.26 -39.74
N TYR A 67 0.26 -22.45 -39.16
CA TYR A 67 -0.50 -23.64 -39.58
C TYR A 67 -2.00 -23.44 -39.43
N LEU A 68 -2.43 -22.81 -38.33
CA LEU A 68 -3.86 -22.58 -38.10
C LEU A 68 -4.49 -21.85 -39.27
N TYR A 69 -3.82 -20.80 -39.75
CA TYR A 69 -4.37 -20.01 -40.83
C TYR A 69 -4.17 -20.68 -42.18
N SER A 70 -3.00 -21.27 -42.42
CA SER A 70 -2.69 -21.84 -43.73
C SER A 70 -3.51 -23.10 -44.01
N GLN A 71 -3.80 -23.89 -42.99
CA GLN A 71 -4.65 -25.06 -43.16
C GLN A 71 -6.12 -24.77 -42.90
N LYS A 72 -6.46 -23.52 -42.58
CA LYS A 72 -7.83 -23.08 -42.32
C LYS A 72 -8.55 -24.05 -41.38
N LEU A 73 -8.01 -24.16 -40.15
CA LEU A 73 -8.56 -25.15 -39.22
C LEU A 73 -9.92 -24.74 -38.67
N LEU A 74 -10.24 -23.46 -38.65
CA LEU A 74 -11.56 -22.96 -38.31
C LEU A 74 -12.28 -22.53 -39.59
N THR A 75 -13.60 -22.48 -39.51
CA THR A 75 -14.41 -21.98 -40.62
C THR A 75 -14.18 -20.47 -40.78
N PRO A 76 -14.57 -19.91 -41.92
CA PRO A 76 -14.49 -18.45 -42.06
C PRO A 76 -15.24 -17.71 -40.97
N GLU A 77 -16.36 -18.26 -40.50
CA GLU A 77 -17.15 -17.63 -39.45
C GLU A 77 -16.40 -17.62 -38.12
N GLU A 78 -15.79 -18.76 -37.77
CA GLU A 78 -15.02 -18.85 -36.53
C GLU A 78 -13.81 -17.93 -36.55
N PHE A 79 -13.13 -17.82 -37.71
CA PHE A 79 -12.04 -16.86 -37.83
C PHE A 79 -12.56 -15.43 -37.71
N ALA A 80 -13.72 -15.16 -38.29
CA ALA A 80 -14.29 -13.82 -38.24
C ALA A 80 -14.62 -13.44 -36.80
N ILE A 81 -15.14 -14.40 -36.03
CA ILE A 81 -15.47 -14.14 -34.63
C ILE A 81 -14.19 -13.98 -33.81
N THR A 82 -13.29 -14.97 -33.87
CA THR A 82 -12.13 -15.04 -32.99
C THR A 82 -11.03 -14.05 -33.36
N ASP A 83 -11.15 -13.31 -34.46
CA ASP A 83 -10.17 -12.26 -34.77
C ASP A 83 -10.80 -10.88 -34.67
N LEU A 84 -11.79 -10.73 -33.81
CA LEU A 84 -12.28 -9.43 -33.40
C LEU A 84 -11.78 -9.15 -31.99
N SER A 85 -11.50 -7.88 -31.69
CA SER A 85 -11.15 -7.53 -30.31
C SER A 85 -12.33 -7.82 -29.39
N ALA A 86 -12.03 -8.07 -28.12
CA ALA A 86 -13.09 -8.23 -27.13
C ALA A 86 -13.99 -7.00 -27.07
N THR A 87 -13.42 -5.82 -27.30
CA THR A 87 -14.23 -4.60 -27.32
C THR A 87 -15.32 -4.68 -28.38
N GLU A 88 -14.96 -5.03 -29.62
CA GLU A 88 -15.98 -5.07 -30.67
C GLU A 88 -16.87 -6.32 -30.56
N LEU A 89 -16.33 -7.46 -30.08
CA LEU A 89 -17.20 -8.57 -29.69
C LEU A 89 -18.26 -8.14 -28.68
N ALA A 90 -17.87 -7.33 -27.70
CA ALA A 90 -18.81 -6.91 -26.67
C ALA A 90 -19.92 -6.04 -27.26
N LYS A 91 -19.54 -5.05 -28.08
CA LYS A 91 -20.53 -4.21 -28.75
C LYS A 91 -21.45 -5.04 -29.66
N LYS A 92 -20.88 -5.99 -30.41
CA LYS A 92 -21.69 -6.81 -31.30
C LYS A 92 -22.72 -7.65 -30.53
N ILE A 93 -22.28 -8.32 -29.46
CA ILE A 93 -23.20 -9.11 -28.65
C ILE A 93 -24.28 -8.21 -28.04
N ALA A 94 -23.86 -7.07 -27.49
CA ALA A 94 -24.82 -6.17 -26.85
C ALA A 94 -25.87 -5.68 -27.83
N ALA A 95 -25.50 -5.53 -29.11
CA ALA A 95 -26.40 -5.05 -30.14
C ALA A 95 -27.18 -6.17 -30.82
N GLY A 96 -27.02 -7.41 -30.37
CA GLY A 96 -27.77 -8.51 -30.95
C GLY A 96 -27.29 -9.00 -32.30
N GLU A 97 -26.08 -8.61 -32.71
CA GLU A 97 -25.51 -9.12 -33.95
C GLU A 97 -24.92 -10.51 -33.78
N LEU A 98 -24.38 -10.84 -32.61
CA LEU A 98 -23.88 -12.18 -32.33
C LEU A 98 -24.49 -12.76 -31.07
N SER A 99 -24.80 -14.05 -31.12
CA SER A 99 -25.18 -14.74 -29.90
C SER A 99 -23.94 -15.01 -29.05
N SER A 100 -24.15 -15.16 -27.75
CA SER A 100 -23.04 -15.54 -26.90
C SER A 100 -22.60 -16.96 -27.21
N VAL A 101 -23.57 -17.83 -27.49
CA VAL A 101 -23.27 -19.23 -27.78
C VAL A 101 -22.33 -19.34 -28.98
N GLU A 102 -22.67 -18.68 -30.08
CA GLU A 102 -21.83 -18.78 -31.27
C GLU A 102 -20.43 -18.20 -31.01
N VAL A 103 -20.34 -17.12 -30.25
CA VAL A 103 -19.03 -16.56 -29.92
C VAL A 103 -18.24 -17.52 -29.06
N PHE A 104 -18.90 -18.21 -28.12
CA PHE A 104 -18.21 -19.17 -27.28
C PHE A 104 -17.68 -20.36 -28.07
N LYS A 105 -18.49 -20.91 -28.97
CA LYS A 105 -18.11 -22.12 -29.69
C LYS A 105 -16.88 -21.90 -30.56
N ALA A 106 -16.75 -20.70 -31.14
CA ALA A 106 -15.56 -20.41 -31.93
C ALA A 106 -14.32 -20.43 -31.04
N PHE A 107 -14.35 -19.66 -29.95
CA PHE A 107 -13.21 -19.62 -29.04
C PHE A 107 -12.95 -21.00 -28.42
N ALA A 108 -14.01 -21.72 -28.08
CA ALA A 108 -13.84 -23.06 -27.51
C ALA A 108 -13.11 -23.98 -28.48
N HIS A 109 -13.52 -23.95 -29.76
CA HIS A 109 -12.81 -24.67 -30.81
C HIS A 109 -11.35 -24.22 -30.88
N ARG A 110 -11.12 -22.90 -30.96
CA ARG A 110 -9.76 -22.40 -31.10
C ARG A 110 -8.91 -22.73 -29.87
N ALA A 111 -9.53 -22.80 -28.68
CA ALA A 111 -8.78 -23.12 -27.46
C ALA A 111 -8.39 -24.59 -27.42
N THR A 112 -9.25 -25.48 -27.94
CA THR A 112 -8.90 -26.89 -27.98
C THR A 112 -7.72 -27.12 -28.93
N LEU A 113 -7.72 -26.45 -30.08
CA LEU A 113 -6.57 -26.49 -30.96
C LEU A 113 -5.32 -25.96 -30.25
N ALA A 114 -5.45 -24.82 -29.56
CA ALA A 114 -4.32 -24.28 -28.80
C ALA A 114 -3.72 -25.33 -27.85
N HIS A 115 -4.57 -26.01 -27.07
CA HIS A 115 -4.08 -27.04 -26.16
C HIS A 115 -3.40 -28.19 -26.89
N GLN A 116 -3.98 -28.63 -28.02
CA GLN A 116 -3.42 -29.77 -28.74
C GLN A 116 -2.00 -29.47 -29.23
N PHE A 117 -1.71 -28.22 -29.55
CA PHE A 117 -0.37 -27.85 -30.01
C PHE A 117 0.53 -27.37 -28.87
N THR A 118 0.03 -26.53 -27.95
CA THR A 118 0.91 -25.91 -26.97
C THR A 118 0.87 -26.54 -25.57
N ASN A 119 -0.14 -27.35 -25.26
CA ASN A 119 -0.29 -27.97 -23.92
C ASN A 119 -0.53 -26.89 -22.86
N CYS A 120 -1.31 -25.88 -23.23
CA CYS A 120 -1.54 -24.71 -22.40
C CYS A 120 -2.64 -24.86 -21.34
N ALA A 121 -3.48 -25.89 -21.40
CA ALA A 121 -4.56 -26.04 -20.44
C ALA A 121 -4.19 -27.01 -19.31
N GLU A 123 -7.03 -27.56 -17.05
CA GLU A 123 -8.41 -27.97 -16.84
C GLU A 123 -9.23 -27.42 -18.00
N LEU A 124 -10.11 -28.26 -18.53
CA LEU A 124 -11.00 -27.87 -19.61
C LEU A 124 -12.41 -28.19 -19.19
N PHE A 125 -13.34 -27.26 -19.38
CA PHE A 125 -14.73 -27.53 -19.06
C PHE A 125 -15.60 -26.81 -20.09
N ILE A 126 -15.51 -27.29 -21.33
CA ILE A 126 -16.21 -26.66 -22.45
C ILE A 126 -17.71 -26.76 -22.26
N ASP A 127 -18.19 -27.90 -21.73
CA ASP A 127 -19.62 -28.10 -21.52
C ASP A 127 -20.19 -27.08 -20.53
N GLU A 128 -19.50 -26.88 -19.39
CA GLU A 128 -19.95 -25.86 -18.45
C GLU A 128 -19.89 -24.48 -19.09
N GLY A 129 -18.84 -24.22 -19.88
CA GLY A 129 -18.78 -22.96 -20.61
C GLY A 129 -20.00 -22.77 -21.49
N LEU A 130 -20.40 -23.82 -22.21
CA LEU A 130 -21.57 -23.73 -23.10
C LEU A 130 -22.83 -23.33 -22.32
N LYS A 131 -23.07 -23.99 -21.19
CA LYS A 131 -24.21 -23.65 -20.34
C LYS A 131 -24.16 -22.20 -19.87
N GLN A 132 -22.97 -21.71 -19.51
CA GLN A 132 -22.83 -20.29 -19.15
C GLN A 132 -23.21 -19.39 -20.31
N ALA A 133 -22.71 -19.71 -21.50
CA ALA A 133 -23.04 -18.88 -22.67
C ALA A 133 -24.53 -18.91 -22.95
N GLU A 134 -25.19 -20.05 -22.69
CA GLU A 134 -26.63 -20.12 -22.88
C GLU A 134 -27.37 -19.19 -21.93
N GLU A 135 -27.00 -19.22 -20.64
CA GLU A 135 -27.58 -18.30 -19.68
C GLU A 135 -27.44 -16.86 -20.14
N ARG A 136 -26.27 -16.51 -20.68
CA ARG A 136 -26.06 -15.16 -21.19
C ARG A 136 -27.11 -14.80 -22.24
N ASP A 137 -27.35 -15.73 -23.17
CA ASP A 137 -28.31 -15.44 -24.23
C ASP A 137 -29.74 -15.43 -23.68
N ASN A 138 -30.05 -16.34 -22.74
CA ASN A 138 -31.35 -16.29 -22.08
C ASN A 138 -31.58 -14.94 -21.43
N TYR A 139 -30.58 -14.44 -20.69
CA TYR A 139 -30.71 -13.16 -20.03
C TYR A 139 -30.96 -12.04 -21.04
N PHE A 140 -30.25 -12.07 -22.16
CA PHE A 140 -30.40 -11.02 -23.16
C PHE A 140 -31.81 -11.03 -23.75
N LYS A 141 -32.34 -12.21 -24.04
CA LYS A 141 -33.73 -12.34 -24.47
C LYS A 141 -34.67 -11.66 -23.49
N GLU A 142 -34.76 -12.21 -22.27
CA GLU A 142 -35.74 -11.77 -21.29
C GLU A 142 -35.70 -10.27 -21.03
N HIS A 143 -34.50 -9.69 -20.91
CA HIS A 143 -34.37 -8.33 -20.42
C HIS A 143 -34.01 -7.31 -21.51
N GLY A 144 -33.54 -7.75 -22.67
CA GLY A 144 -33.25 -6.80 -23.72
C GLY A 144 -31.95 -6.06 -23.57
N LYS A 145 -31.07 -6.51 -22.67
CA LYS A 145 -29.80 -5.86 -22.43
C LYS A 145 -28.84 -6.91 -21.87
N THR A 146 -27.58 -6.51 -21.72
CA THR A 146 -26.59 -7.46 -21.24
C THR A 146 -26.43 -7.36 -19.72
N VAL A 147 -25.81 -8.39 -19.15
CA VAL A 147 -25.53 -8.44 -17.72
C VAL A 147 -24.50 -7.40 -17.30
N GLY A 148 -23.63 -6.98 -18.20
CA GLY A 148 -22.54 -6.09 -17.87
C GLY A 148 -21.59 -5.98 -19.05
N PRO A 149 -20.49 -5.25 -18.90
CA PRO A 149 -19.65 -4.92 -20.07
C PRO A 149 -18.82 -6.07 -20.61
N LEU A 150 -18.77 -7.22 -19.94
CA LEU A 150 -18.05 -8.39 -20.45
C LEU A 150 -19.01 -9.51 -20.83
N HIS A 151 -20.29 -9.18 -21.02
CA HIS A 151 -21.33 -10.15 -21.32
C HIS A 151 -20.94 -11.00 -22.53
N GLY A 152 -20.77 -12.29 -22.29
CA GLY A 152 -20.49 -13.23 -23.35
C GLY A 152 -19.05 -13.31 -23.80
N ILE A 153 -18.11 -12.68 -23.09
CA ILE A 153 -16.72 -12.59 -23.51
C ILE A 153 -15.97 -13.80 -22.90
N PRO A 154 -15.47 -14.73 -23.69
CA PRO A 154 -14.74 -15.89 -23.13
C PRO A 154 -13.35 -15.52 -22.67
N ILE A 155 -13.08 -15.78 -21.38
CA ILE A 155 -11.88 -15.32 -20.71
C ILE A 155 -11.19 -16.53 -20.10
N SER A 156 -9.89 -16.67 -20.33
CA SER A 156 -9.10 -17.75 -19.76
C SER A 156 -8.49 -17.30 -18.43
N LEU A 157 -8.29 -18.27 -17.53
CA LEU A 157 -7.97 -18.00 -16.13
C LEU A 157 -6.73 -18.81 -15.73
N LYS A 158 -5.76 -18.15 -15.12
CA LYS A 158 -4.62 -18.87 -14.56
C LYS A 158 -5.12 -19.81 -13.47
N GLU A 159 -4.58 -21.03 -13.44
CA GLU A 159 -5.12 -22.08 -12.57
C GLU A 159 -5.07 -21.68 -11.09
N GLN A 160 -4.00 -21.05 -10.64
CA GLN A 160 -3.81 -20.82 -9.21
C GLN A 160 -4.92 -19.99 -8.56
N ASN A 162 -8.52 -19.27 -7.14
CA ASN A 162 -9.66 -20.04 -6.67
C ASN A 162 -10.77 -20.05 -7.72
N TYR A 163 -11.21 -21.24 -8.08
CA TYR A 163 -12.40 -21.43 -8.89
C TYR A 163 -13.36 -22.27 -8.07
N LYS A 164 -14.60 -21.79 -7.94
CA LYS A 164 -15.58 -22.43 -7.07
C LYS A 164 -15.78 -23.89 -7.44
N ASP A 165 -15.63 -24.77 -6.44
CA ASP A 165 -15.93 -26.19 -6.54
C ASP A 165 -14.99 -26.92 -7.49
N LYS A 166 -13.78 -26.41 -7.70
CA LYS A 166 -12.80 -27.09 -8.52
C LYS A 166 -11.45 -27.09 -7.84
N ILE A 167 -10.68 -28.16 -8.09
CA ILE A 167 -9.33 -28.23 -7.57
C ILE A 167 -8.59 -26.95 -7.89
N THR A 168 -7.91 -26.40 -6.89
CA THR A 168 -7.04 -25.25 -7.06
C THR A 168 -5.72 -25.57 -6.35
N HIS A 169 -4.69 -25.88 -7.12
CA HIS A 169 -3.47 -26.39 -6.55
C HIS A 169 -2.27 -25.47 -6.74
N GLY A 170 -2.35 -24.50 -7.65
CA GLY A 170 -1.26 -23.55 -7.82
C GLY A 170 0.06 -24.19 -8.22
N GLY A 171 0.02 -25.35 -8.89
CA GLY A 171 1.20 -26.08 -9.24
C GLY A 171 1.77 -26.99 -8.18
N TYR A 172 1.18 -27.04 -6.98
CA TYR A 172 1.68 -27.86 -5.88
C TYR A 172 0.86 -29.15 -5.82
N VAL A 173 1.53 -30.30 -5.92
CA VAL A 173 0.79 -31.55 -5.91
C VAL A 173 0.09 -31.73 -4.56
N SER A 174 0.75 -31.31 -3.48
CA SER A 174 0.13 -31.38 -2.16
C SER A 174 -1.23 -30.70 -2.12
N LYS A 175 -1.50 -29.75 -3.01
CA LYS A 175 -2.77 -29.02 -3.01
C LYS A 175 -3.78 -29.59 -4.00
N ILE A 176 -3.50 -30.76 -4.60
CA ILE A 176 -4.46 -31.33 -5.54
C ILE A 176 -5.77 -31.72 -4.86
N VAL A 177 -5.80 -31.72 -3.53
CA VAL A 177 -7.00 -32.00 -2.75
C VAL A 177 -7.65 -30.73 -2.23
N ASN A 178 -7.21 -29.56 -2.70
CA ASN A 178 -7.75 -28.29 -2.23
C ASN A 178 -8.85 -27.83 -3.18
N ILE A 179 -10.09 -27.84 -2.71
CA ILE A 179 -11.25 -27.43 -3.49
C ILE A 179 -11.95 -26.29 -2.77
N PRO A 180 -11.74 -25.04 -3.20
CA PRO A 180 -12.43 -23.90 -2.58
C PRO A 180 -13.93 -23.89 -2.85
N ASN A 181 -14.66 -23.25 -1.93
CA ASN A 181 -16.11 -23.12 -2.02
C ASN A 181 -16.56 -21.93 -2.85
N SER A 182 -15.64 -21.12 -3.36
CA SER A 182 -16.05 -19.93 -4.09
C SER A 182 -14.92 -19.45 -5.01
N HIS A 183 -15.29 -18.66 -6.00
CA HIS A 183 -14.30 -17.97 -6.80
C HIS A 183 -13.45 -17.05 -5.90
N GLY A 184 -12.22 -16.81 -6.32
CA GLY A 184 -11.47 -15.71 -5.77
C GLY A 184 -12.09 -14.40 -6.18
N VAL A 185 -11.56 -13.30 -5.62
CA VAL A 185 -12.21 -12.00 -5.83
C VAL A 185 -12.23 -11.64 -7.32
N THR A 186 -11.10 -11.80 -8.00
CA THR A 186 -11.03 -11.35 -9.38
C THR A 186 -11.95 -12.18 -10.28
N THR A 187 -11.98 -13.50 -10.09
CA THR A 187 -12.85 -14.32 -10.91
C THR A 187 -14.33 -14.01 -10.68
N SER A 188 -14.73 -13.79 -9.42
CA SER A 188 -16.15 -13.54 -9.23
C SER A 188 -16.54 -12.16 -9.70
N ILE A 189 -15.60 -11.22 -9.76
CA ILE A 189 -15.92 -9.95 -10.41
C ILE A 189 -16.11 -10.16 -11.90
N LEU A 190 -15.27 -11.00 -12.54
CA LEU A 190 -15.38 -11.18 -13.99
C LEU A 190 -16.71 -11.81 -14.36
N GLU A 191 -17.16 -12.81 -13.58
CA GLU A 191 -18.45 -13.44 -13.82
C GLU A 191 -19.59 -12.45 -13.67
N LYS A 192 -19.60 -11.66 -12.58
CA LYS A 192 -20.66 -10.67 -12.42
C LYS A 192 -20.70 -9.68 -13.59
N LEU A 193 -19.55 -9.34 -14.15
CA LEU A 193 -19.49 -8.47 -15.32
C LEU A 193 -19.96 -9.18 -16.60
N GLY A 194 -20.14 -10.50 -16.57
CA GLY A 194 -20.70 -11.23 -17.69
C GLY A 194 -19.76 -12.19 -18.40
N ALA A 195 -18.53 -12.36 -17.93
CA ALA A 195 -17.57 -13.17 -18.68
C ALA A 195 -17.98 -14.64 -18.66
N VAL A 196 -17.43 -15.40 -19.62
CA VAL A 196 -17.73 -16.83 -19.76
C VAL A 196 -16.42 -17.60 -19.56
N PHE A 197 -16.46 -18.63 -18.72
CA PHE A 197 -15.27 -19.41 -18.35
C PHE A 197 -15.36 -20.83 -18.88
N TYR A 198 -14.18 -21.40 -19.17
CA TYR A 198 -14.13 -22.72 -19.80
C TYR A 198 -12.76 -23.39 -19.72
N VAL A 199 -11.69 -22.63 -19.49
CA VAL A 199 -10.33 -23.19 -19.46
C VAL A 199 -9.50 -22.51 -18.37
N ARG A 200 -8.70 -23.31 -17.67
CA ARG A 200 -7.75 -22.82 -16.67
C ARG A 200 -6.37 -23.29 -17.09
N THR A 201 -5.43 -22.37 -17.12
CA THR A 201 -4.18 -22.52 -17.85
C THR A 201 -3.02 -22.88 -16.94
N SER A 202 -1.95 -23.39 -17.56
CA SER A 202 -0.83 -23.99 -16.86
C SER A 202 0.10 -22.95 -16.27
N GLN A 203 0.92 -23.42 -15.35
CA GLN A 203 1.86 -22.63 -14.55
C GLN A 203 2.94 -23.58 -14.06
N PRO A 204 4.14 -23.08 -13.80
CA PRO A 204 5.18 -23.94 -13.27
C PRO A 204 4.97 -24.30 -11.81
N GLN A 205 5.55 -25.44 -11.42
CA GLN A 205 5.76 -25.73 -10.00
C GLN A 205 6.52 -24.59 -9.31
N THR A 206 6.01 -24.16 -8.16
CA THR A 206 6.42 -23.06 -7.26
C THR A 206 5.94 -21.70 -7.77
N LEU A 207 5.45 -21.58 -9.01
CA LEU A 207 5.03 -20.31 -9.60
C LEU A 207 6.17 -19.32 -9.73
N HIS A 209 8.98 -19.60 -12.04
CA HIS A 209 9.74 -19.73 -13.28
C HIS A 209 9.20 -18.75 -14.31
N LEU A 210 10.09 -18.24 -15.15
CA LEU A 210 9.62 -17.63 -16.39
C LEU A 210 9.44 -18.70 -17.47
N ASP A 211 8.83 -19.82 -17.07
CA ASP A 211 8.66 -21.05 -17.85
C ASP A 211 7.54 -21.86 -17.18
N SER A 212 7.32 -23.11 -17.61
CA SER A 212 6.10 -23.82 -17.26
C SER A 212 6.26 -25.19 -16.59
N ALA A 213 7.47 -25.74 -16.45
CA ALA A 213 7.59 -27.14 -16.03
C ALA A 213 6.84 -27.39 -14.73
N ASN A 214 5.98 -28.40 -14.74
CA ASN A 214 5.26 -28.83 -13.55
C ASN A 214 5.02 -30.34 -13.64
N ASN A 215 4.66 -30.93 -12.50
CA ASN A 215 4.47 -32.38 -12.41
C ASN A 215 3.08 -32.84 -12.81
N PHE A 216 2.19 -31.94 -13.22
CA PHE A 216 0.86 -32.36 -13.65
C PHE A 216 0.84 -32.61 -15.17
N THR A 217 1.19 -31.60 -15.95
CA THR A 217 1.06 -31.63 -17.41
C THR A 217 2.37 -31.43 -18.15
N GLY A 218 3.50 -31.23 -17.45
CA GLY A 218 4.79 -31.09 -18.14
C GLY A 218 5.04 -29.66 -18.61
N LEU A 219 5.42 -29.51 -19.88
CA LEU A 219 5.82 -28.22 -20.43
C LEU A 219 4.75 -27.65 -21.35
N THR A 220 4.63 -26.33 -21.34
CA THR A 220 3.77 -25.59 -22.27
C THR A 220 4.64 -24.89 -23.29
N LYS A 221 4.25 -24.93 -24.57
CA LYS A 221 5.12 -24.51 -25.66
C LYS A 221 4.64 -23.23 -26.34
N ASN A 222 5.58 -22.56 -27.02
CA ASN A 222 5.29 -21.28 -27.69
C ASN A 222 4.48 -21.49 -28.96
N PRO A 223 3.36 -20.79 -29.14
CA PRO A 223 2.53 -21.04 -30.33
C PRO A 223 3.14 -20.58 -31.65
N PHE A 224 4.17 -19.73 -31.65
CA PHE A 224 4.83 -19.29 -32.88
C PHE A 224 6.07 -20.10 -33.23
N ASN A 225 6.52 -20.96 -32.32
CA ASN A 225 7.68 -21.81 -32.49
C ASN A 225 7.62 -22.83 -31.37
N LEU A 226 7.17 -24.04 -31.68
CA LEU A 226 6.88 -25.04 -30.65
C LEU A 226 8.14 -25.58 -29.98
N LEU A 227 9.33 -25.28 -30.46
CA LEU A 227 10.50 -25.64 -29.66
C LEU A 227 10.63 -24.74 -28.42
N LEU A 228 10.14 -23.49 -28.50
CA LEU A 228 10.39 -22.53 -27.43
C LEU A 228 9.34 -22.60 -26.33
N SER A 229 9.73 -22.12 -25.15
CA SER A 229 8.80 -21.92 -24.06
C SER A 229 7.81 -20.80 -24.37
N SER A 230 6.59 -20.93 -23.86
CA SER A 230 5.65 -19.82 -23.88
C SER A 230 5.81 -18.90 -22.68
N GLY A 231 6.77 -19.17 -21.80
CA GLY A 231 7.05 -18.33 -20.65
C GLY A 231 6.37 -18.81 -19.37
N GLY A 232 6.33 -17.90 -18.41
CA GLY A 232 5.66 -18.17 -17.14
C GLY A 232 5.87 -16.99 -16.21
N SER A 233 5.29 -17.09 -15.02
CA SER A 233 4.54 -18.24 -14.56
C SER A 233 3.09 -18.32 -15.07
N SER A 234 2.60 -17.27 -15.76
CA SER A 234 1.32 -17.38 -16.46
C SER A 234 1.54 -18.04 -17.82
N SER A 235 1.98 -19.31 -17.79
CA SER A 235 2.47 -19.96 -19.00
C SER A 235 1.36 -20.20 -20.02
N GLY A 236 0.28 -20.87 -19.58
CA GLY A 236 -0.80 -21.18 -20.49
C GLY A 236 -1.54 -19.96 -20.97
N GLU A 237 -1.56 -18.89 -20.17
CA GLU A 237 -2.19 -17.65 -20.62
C GLU A 237 -1.49 -17.08 -21.85
N GLY A 238 -0.16 -17.02 -21.82
CA GLY A 238 0.56 -16.50 -22.98
C GLY A 238 0.33 -17.34 -24.22
N ALA A 239 0.37 -18.67 -24.07
CA ALA A 239 0.14 -19.54 -25.21
C ALA A 239 -1.26 -19.35 -25.77
N ILE A 240 -2.29 -19.38 -24.91
CA ILE A 240 -3.66 -19.41 -25.42
C ILE A 240 -4.05 -18.03 -25.97
N VAL A 241 -3.61 -16.95 -25.32
CA VAL A 241 -3.91 -15.63 -25.86
C VAL A 241 -3.16 -15.40 -27.16
N GLY A 242 -1.85 -15.71 -27.18
CA GLY A 242 -1.08 -15.57 -28.41
C GLY A 242 -1.63 -16.37 -29.58
N TYR A 243 -2.23 -17.52 -29.31
CA TYR A 243 -2.90 -18.33 -30.31
C TYR A 243 -4.31 -17.83 -30.64
N GLY A 244 -4.89 -16.96 -29.81
CA GLY A 244 -6.27 -16.56 -29.99
C GLY A 244 -7.30 -17.50 -29.42
N GLY A 245 -6.88 -18.45 -28.59
CA GLY A 245 -7.81 -19.40 -27.97
C GLY A 245 -8.74 -18.79 -26.96
N SER A 246 -8.51 -17.55 -26.54
CA SER A 246 -9.48 -16.82 -25.75
C SER A 246 -9.36 -15.34 -26.12
N ALA A 247 -10.35 -14.55 -25.69
CA ALA A 247 -10.37 -13.13 -26.02
C ALA A 247 -9.55 -12.28 -25.05
N ILE A 248 -9.55 -12.64 -23.76
CA ILE A 248 -8.70 -12.02 -22.76
C ILE A 248 -8.22 -13.12 -21.82
N GLY A 249 -6.99 -12.96 -21.32
CA GLY A 249 -6.49 -13.83 -20.28
C GLY A 249 -6.17 -13.07 -19.00
N VAL A 250 -6.19 -13.77 -17.87
CA VAL A 250 -5.90 -13.18 -16.57
C VAL A 250 -4.72 -13.93 -15.97
N GLY A 251 -3.65 -13.20 -15.65
CA GLY A 251 -2.51 -13.79 -14.97
C GLY A 251 -2.10 -13.02 -13.72
N SER A 252 -0.94 -13.35 -13.19
CA SER A 252 -0.38 -12.67 -12.03
C SER A 252 1.10 -12.45 -12.30
N ASP A 253 1.70 -11.51 -11.57
CA ASP A 253 3.03 -11.03 -11.93
C ASP A 253 3.73 -10.60 -10.64
N ILE A 254 4.61 -11.46 -10.19
CA ILE A 254 5.79 -11.14 -9.42
C ILE A 254 6.91 -11.56 -10.34
N GLY A 255 8.00 -10.81 -10.38
CA GLY A 255 9.14 -11.20 -11.21
C GLY A 255 8.96 -11.14 -12.72
N GLY A 256 7.75 -10.98 -13.25
CA GLY A 256 7.58 -10.89 -14.69
C GLY A 256 6.57 -11.85 -15.28
N SER A 257 5.75 -12.48 -14.42
CA SER A 257 4.92 -13.59 -14.87
C SER A 257 3.71 -13.17 -15.72
N ILE A 258 3.42 -11.89 -15.94
CA ILE A 258 2.49 -11.47 -17.00
C ILE A 258 3.25 -11.01 -18.24
N ARG A 259 4.20 -10.12 -18.04
CA ARG A 259 4.87 -9.48 -19.17
C ARG A 259 5.72 -10.45 -19.99
N ALA A 260 6.43 -11.39 -19.32
CA ALA A 260 7.28 -12.30 -20.09
C ALA A 260 6.48 -13.24 -20.97
N PRO A 261 5.47 -14.00 -20.46
CA PRO A 261 4.69 -14.84 -21.38
C PRO A 261 4.05 -14.06 -22.51
N ALA A 262 3.55 -12.85 -22.23
CA ALA A 262 3.01 -12.02 -23.30
C ALA A 262 4.07 -11.76 -24.36
N ALA A 263 5.23 -11.26 -23.94
CA ALA A 263 6.29 -10.93 -24.89
C ALA A 263 6.79 -12.18 -25.61
N TYR A 264 6.95 -13.29 -24.89
CA TYR A 264 7.46 -14.52 -25.50
C TYR A 264 6.48 -15.05 -26.54
N SER A 265 5.18 -14.97 -26.26
CA SER A 265 4.18 -15.74 -26.98
C SER A 265 3.40 -14.94 -28.00
N GLY A 266 3.73 -13.67 -28.19
CA GLY A 266 3.09 -12.89 -29.24
C GLY A 266 1.81 -12.17 -28.89
N CYS A 267 1.63 -11.71 -27.64
CA CYS A 267 0.45 -10.91 -27.32
C CYS A 267 0.87 -9.74 -26.43
N HIS A 268 -0.13 -9.00 -25.94
CA HIS A 268 0.09 -7.84 -25.08
C HIS A 268 -0.30 -8.19 -23.66
N GLY A 269 0.35 -7.53 -22.69
CA GLY A 269 0.09 -7.81 -21.29
C GLY A 269 0.38 -6.62 -20.39
N LEU A 270 -0.44 -6.43 -19.36
CA LEU A 270 -0.27 -5.31 -18.44
C LEU A 270 0.02 -5.79 -17.04
N ARG A 271 1.16 -5.39 -16.49
CA ARG A 271 1.39 -5.47 -15.05
C ARG A 271 0.96 -4.16 -14.41
N PRO A 272 -0.18 -4.10 -13.73
CA PRO A 272 -0.61 -2.84 -13.13
C PRO A 272 0.13 -2.54 -11.83
N THR A 273 0.05 -1.27 -11.41
CA THR A 273 0.53 -0.89 -10.09
C THR A 273 -0.18 -1.74 -9.03
N THR A 274 0.54 -2.07 -7.96
CA THR A 274 -0.06 -2.92 -6.95
C THR A 274 -1.32 -2.29 -6.37
N LYS A 275 -2.23 -3.14 -5.92
CA LYS A 275 -3.41 -2.81 -5.14
C LYS A 275 -4.52 -2.16 -5.95
N ARG A 276 -4.52 -2.31 -7.26
CA ARG A 276 -5.67 -1.93 -8.06
C ARG A 276 -6.55 -3.14 -8.39
N ILE A 277 -5.93 -4.26 -8.77
CA ILE A 277 -6.63 -5.50 -9.08
C ILE A 277 -6.39 -6.46 -7.91
N SER A 278 -7.44 -7.12 -7.45
CA SER A 278 -7.30 -8.03 -6.31
C SER A 278 -6.54 -9.32 -6.65
N VAL A 279 -5.67 -9.75 -5.74
CA VAL A 279 -5.07 -11.08 -5.78
C VAL A 279 -5.64 -11.99 -4.69
N LYS A 280 -6.68 -11.54 -3.99
CA LYS A 280 -7.26 -12.35 -2.92
C LYS A 280 -7.94 -13.62 -3.47
N GLY A 281 -7.64 -14.76 -2.86
CA GLY A 281 -8.34 -15.99 -3.18
C GLY A 281 -7.64 -16.87 -4.20
N GLY A 282 -6.53 -17.48 -3.81
CA GLY A 282 -5.77 -18.35 -4.69
C GLY A 282 -4.75 -19.11 -3.88
N VAL A 283 -3.95 -19.91 -4.59
CA VAL A 283 -2.91 -20.73 -3.98
C VAL A 283 -1.54 -20.24 -4.45
N SER A 284 -0.65 -20.01 -3.49
CA SER A 284 0.73 -19.61 -3.77
C SER A 284 1.46 -19.68 -2.43
N SER A 285 2.77 -19.49 -2.48
CA SER A 285 3.54 -19.44 -1.25
C SER A 285 3.68 -18.02 -0.67
N GLY A 286 2.90 -17.06 -1.16
CA GLY A 286 3.09 -15.66 -0.84
C GLY A 286 2.24 -15.08 0.29
N ALA A 287 1.56 -15.91 1.08
CA ALA A 287 0.69 -15.40 2.13
C ALA A 287 1.48 -14.51 3.10
N GLY A 288 1.03 -13.26 3.28
CA GLY A 288 1.66 -12.36 4.19
C GLY A 288 2.86 -11.62 3.63
N GLN A 289 3.25 -11.91 2.39
CA GLN A 289 4.46 -11.34 1.82
C GLN A 289 4.13 -9.98 1.19
N GLU A 290 4.81 -8.94 1.67
CA GLU A 290 4.46 -7.56 1.37
C GLU A 290 5.64 -6.74 0.85
N SER A 291 6.87 -7.24 0.96
CA SER A 291 8.02 -6.45 0.52
C SER A 291 8.01 -6.23 -0.99
N VAL A 292 7.65 -7.26 -1.75
CA VAL A 292 7.42 -7.10 -3.19
C VAL A 292 6.12 -7.82 -3.51
N PRO A 293 4.99 -7.13 -3.39
CA PRO A 293 3.70 -7.81 -3.54
C PRO A 293 3.42 -8.19 -4.99
N ALA A 294 2.78 -9.35 -5.16
CA ALA A 294 2.33 -9.81 -6.44
C ALA A 294 1.19 -8.92 -6.95
N VAL A 295 0.82 -9.14 -8.21
CA VAL A 295 -0.13 -8.31 -8.90
C VAL A 295 -0.84 -9.19 -9.91
N ALA A 296 -2.10 -8.89 -10.18
CA ALA A 296 -2.85 -9.61 -11.20
C ALA A 296 -3.20 -8.64 -12.31
N GLY A 297 -3.39 -9.15 -13.51
CA GLY A 297 -3.71 -8.27 -14.62
C GLY A 297 -4.00 -8.99 -15.91
N PRO A 298 -4.41 -8.23 -16.93
CA PRO A 298 -4.95 -8.85 -18.15
C PRO A 298 -3.89 -9.08 -19.21
N ALA A 300 -4.05 -9.81 -23.68
CA ALA A 300 -4.96 -9.81 -24.82
C ALA A 300 -4.17 -9.56 -26.10
N ARG A 301 -4.89 -9.62 -27.23
CA ARG A 301 -4.30 -9.34 -28.52
C ARG A 301 -4.58 -7.92 -29.00
N SER A 302 -5.08 -7.04 -28.13
CA SER A 302 -5.14 -5.61 -28.44
C SER A 302 -5.09 -4.79 -27.17
N ILE A 303 -4.56 -3.57 -27.30
CA ILE A 303 -4.49 -2.69 -26.14
C ILE A 303 -5.87 -2.22 -25.71
N ASP A 304 -6.80 -2.01 -26.66
CA ASP A 304 -8.19 -1.72 -26.32
C ASP A 304 -8.74 -2.73 -25.32
N ASP A 305 -8.43 -4.00 -25.53
CA ASP A 305 -8.94 -5.05 -24.67
C ASP A 305 -8.36 -4.95 -23.25
N LEU A 306 -7.04 -4.76 -23.13
CA LEU A 306 -6.46 -4.43 -21.82
C LEU A 306 -7.20 -3.27 -21.19
N GLU A 307 -7.48 -2.22 -21.97
CA GLU A 307 -8.14 -1.04 -21.40
C GLU A 307 -9.57 -1.35 -20.98
N LEU A 308 -10.31 -2.10 -21.81
CA LEU A 308 -11.66 -2.50 -21.47
C LEU A 308 -11.69 -3.23 -20.14
N TRP A 309 -10.74 -4.14 -19.93
CA TRP A 309 -10.74 -5.00 -18.75
C TRP A 309 -10.47 -4.20 -17.48
N LYS A 311 -10.87 -0.93 -17.01
CA LYS A 311 -11.97 0.00 -16.78
C LYS A 311 -13.19 -0.70 -16.20
N ALA A 312 -13.56 -1.85 -16.78
CA ALA A 312 -14.72 -2.58 -16.26
C ALA A 312 -14.45 -3.14 -14.86
N TYR A 313 -13.29 -3.77 -14.68
CA TYR A 313 -12.97 -4.40 -13.40
C TYR A 313 -13.06 -3.38 -12.27
N ILE A 314 -12.40 -2.23 -12.43
CA ILE A 314 -12.28 -1.27 -11.34
C ILE A 314 -13.57 -0.46 -11.17
N ASN A 315 -14.04 0.17 -12.25
CA ASN A 315 -15.14 1.13 -12.11
C ASN A 315 -16.48 0.42 -11.93
N GLU A 316 -16.64 -0.78 -12.45
CA GLU A 316 -17.87 -1.54 -12.27
C GLU A 316 -17.75 -2.72 -11.31
N GLY A 317 -16.60 -3.39 -11.24
CA GLY A 317 -16.45 -4.48 -10.30
C GLY A 317 -16.24 -4.01 -8.86
N LYS A 318 -15.68 -2.82 -8.68
CA LYS A 318 -15.48 -2.21 -7.37
C LYS A 318 -14.81 -3.18 -6.37
N PRO A 319 -13.57 -3.61 -6.65
CA PRO A 319 -12.98 -4.68 -5.82
C PRO A 319 -12.81 -4.31 -4.36
N TRP A 320 -12.62 -3.02 -4.04
CA TRP A 320 -12.51 -2.61 -2.64
C TRP A 320 -13.74 -3.01 -1.83
N GLU A 321 -14.88 -3.24 -2.49
CA GLU A 321 -16.08 -3.64 -1.76
C GLU A 321 -16.01 -5.06 -1.23
N SER A 322 -15.13 -5.91 -1.76
CA SER A 322 -14.95 -7.26 -1.22
C SER A 322 -13.51 -7.60 -0.85
N ASP A 323 -12.55 -6.75 -1.20
CA ASP A 323 -11.14 -6.95 -0.87
C ASP A 323 -10.63 -5.63 -0.31
N SER A 324 -10.37 -5.61 0.99
CA SER A 324 -10.01 -4.38 1.69
C SER A 324 -8.67 -3.82 1.20
N THR A 325 -7.78 -4.69 0.70
CA THR A 325 -6.49 -4.25 0.17
C THR A 325 -6.65 -3.44 -1.12
N SER A 326 -7.72 -3.67 -1.87
CA SER A 326 -7.86 -3.01 -3.16
C SER A 326 -8.22 -1.54 -2.99
N LEU A 327 -7.55 -0.68 -3.73
CA LEU A 327 -7.71 0.77 -3.61
C LEU A 327 -8.94 1.24 -4.37
N PRO A 328 -9.74 2.14 -3.77
CA PRO A 328 -10.83 2.78 -4.53
C PRO A 328 -10.33 4.00 -5.29
N PRO A 330 -10.36 5.50 -8.93
CA PRO A 330 -11.08 5.29 -10.20
C PRO A 330 -10.12 5.12 -11.37
N TRP A 331 -10.54 4.29 -12.33
CA TRP A 331 -9.84 4.21 -13.61
C TRP A 331 -10.20 5.44 -14.42
N ARG A 332 -9.24 6.36 -14.58
CA ARG A 332 -9.49 7.64 -15.19
C ARG A 332 -9.64 7.52 -16.71
N ASP A 333 -10.38 8.47 -17.29
CA ASP A 333 -10.58 8.56 -18.72
C ASP A 333 -9.48 9.44 -19.30
N VAL A 334 -8.66 8.87 -20.18
CA VAL A 334 -7.45 9.52 -20.67
C VAL A 334 -7.44 9.43 -22.19
N SER A 335 -7.09 10.52 -22.86
CA SER A 335 -7.08 10.51 -24.32
C SER A 335 -5.78 9.91 -24.83
N THR A 336 -5.84 9.34 -26.02
CA THR A 336 -4.65 8.80 -26.65
C THR A 336 -3.73 9.93 -27.07
N PRO A 337 -2.48 9.96 -26.62
CA PRO A 337 -1.61 11.10 -26.93
C PRO A 337 -1.01 10.97 -28.32
N LYS A 338 -0.50 12.09 -28.81
CA LYS A 338 0.27 12.11 -30.04
C LYS A 338 1.71 11.73 -29.73
N ILE A 339 2.31 10.92 -30.61
CA ILE A 339 3.69 10.48 -30.39
C ILE A 339 4.60 11.67 -30.16
N GLY A 340 4.36 12.77 -30.87
CA GLY A 340 5.18 13.96 -30.73
C GLY A 340 5.06 14.66 -29.40
N ASP A 341 4.10 14.25 -28.57
CA ASP A 341 3.95 14.79 -27.22
C ASP A 341 4.72 13.99 -26.16
N LEU A 342 5.32 12.85 -26.51
CA LEU A 342 5.88 11.92 -25.53
C LEU A 342 7.39 12.11 -25.36
N THR A 343 7.84 11.98 -24.11
CA THR A 343 9.27 11.86 -23.80
C THR A 343 9.53 10.44 -23.31
N VAL A 344 10.41 9.71 -23.98
CA VAL A 344 10.63 8.29 -23.69
C VAL A 344 12.11 8.07 -23.38
N ALA A 345 12.39 7.55 -22.19
CA ALA A 345 13.73 7.10 -21.84
C ALA A 345 13.92 5.65 -22.27
N ILE A 346 15.08 5.35 -22.86
CA ILE A 346 15.33 4.06 -23.48
C ILE A 346 16.37 3.32 -22.65
N ILE A 347 16.09 2.08 -22.30
CA ILE A 347 17.08 1.19 -21.70
C ILE A 347 17.53 0.24 -22.79
N ARG A 348 18.76 0.42 -23.29
CA ARG A 348 19.34 -0.50 -24.26
C ARG A 348 19.99 -1.71 -23.61
N ASP A 349 20.35 -1.59 -22.33
CA ASP A 349 21.12 -2.59 -21.59
C ASP A 349 20.97 -2.24 -20.13
N ASP A 350 20.44 -3.15 -19.32
CA ASP A 350 20.20 -2.83 -17.92
C ASP A 350 21.47 -2.83 -17.08
N GLY A 351 22.65 -2.99 -17.70
CA GLY A 351 23.89 -3.00 -16.95
C GLY A 351 24.24 -4.33 -16.34
N LEU A 352 23.37 -5.34 -16.45
CA LEU A 352 23.60 -6.67 -15.91
C LEU A 352 23.80 -7.73 -16.98
N VAL A 353 22.87 -7.86 -17.92
CA VAL A 353 22.91 -8.91 -18.92
C VAL A 353 22.62 -8.28 -20.29
N ARG A 354 23.60 -8.37 -21.18
CA ARG A 354 23.46 -7.90 -22.55
C ARG A 354 22.34 -8.65 -23.27
N VAL A 355 21.58 -7.94 -24.11
CA VAL A 355 20.48 -8.55 -24.84
C VAL A 355 21.02 -9.15 -26.12
N SER A 356 20.26 -10.11 -26.67
CA SER A 356 20.64 -10.83 -27.87
C SER A 356 20.24 -10.05 -29.12
N PRO A 357 20.76 -10.44 -30.29
CA PRO A 357 20.59 -9.63 -31.51
C PRO A 357 19.14 -9.29 -31.85
N PRO A 358 18.19 -10.24 -31.78
CA PRO A 358 16.81 -9.85 -32.13
C PRO A 358 16.24 -8.76 -31.23
N ILE A 359 16.54 -8.79 -29.92
CA ILE A 359 16.05 -7.75 -29.02
C ILE A 359 16.72 -6.41 -29.32
N ARG A 360 18.03 -6.42 -29.53
CA ARG A 360 18.72 -5.20 -29.88
C ARG A 360 18.14 -4.59 -31.14
N ARG A 361 17.93 -5.41 -32.18
CA ARG A 361 17.42 -4.88 -33.45
C ARG A 361 16.01 -4.30 -33.28
N ALA A 362 15.12 -5.07 -32.64
CA ALA A 362 13.74 -4.59 -32.49
C ALA A 362 13.67 -3.32 -31.65
N LEU A 363 14.42 -3.26 -30.54
CA LEU A 363 14.48 -2.04 -29.76
C LEU A 363 14.96 -0.87 -30.62
N ASN A 364 16.04 -1.07 -31.37
CA ASN A 364 16.57 0.00 -32.21
C ASN A 364 15.56 0.44 -33.26
N THR A 365 14.84 -0.50 -33.86
CA THR A 365 13.85 -0.14 -34.87
C THR A 365 12.72 0.67 -34.26
N VAL A 366 12.30 0.33 -33.03
CA VAL A 366 11.17 1.02 -32.42
C VAL A 366 11.58 2.44 -32.02
N VAL A 367 12.79 2.60 -31.48
CA VAL A 367 13.28 3.93 -31.13
C VAL A 367 13.33 4.83 -32.35
N GLU A 368 13.78 4.30 -33.49
CA GLU A 368 13.90 5.15 -34.67
C GLU A 368 12.53 5.54 -35.21
N LYS A 369 11.58 4.61 -35.14
CA LYS A 369 10.20 4.93 -35.50
C LYS A 369 9.61 6.00 -34.59
N LEU A 370 9.89 5.95 -33.29
CA LEU A 370 9.40 6.97 -32.36
C LEU A 370 10.05 8.32 -32.64
N LYS A 371 11.37 8.31 -32.83
CA LYS A 371 12.08 9.53 -33.17
C LYS A 371 11.50 10.15 -34.44
N GLY A 372 11.23 9.31 -35.44
CA GLY A 372 10.67 9.81 -36.69
C GLY A 372 9.29 10.42 -36.54
N ALA A 373 8.51 9.93 -35.58
CA ALA A 373 7.20 10.52 -35.36
C ALA A 373 7.23 11.73 -34.44
N GLY A 374 8.42 12.17 -34.02
CA GLY A 374 8.57 13.39 -33.24
C GLY A 374 8.74 13.27 -31.74
N ALA A 375 9.03 12.07 -31.20
CA ALA A 375 9.14 11.92 -29.76
C ALA A 375 10.53 12.34 -29.28
N LYS A 376 10.57 13.02 -28.14
CA LYS A 376 11.84 13.25 -27.45
C LYS A 376 12.27 11.95 -26.79
N ILE A 377 13.42 11.42 -27.20
CA ILE A 377 13.96 10.20 -26.60
C ILE A 377 15.20 10.57 -25.80
N ILE A 378 15.36 9.92 -24.65
CA ILE A 378 16.52 10.09 -23.78
C ILE A 378 17.19 8.72 -23.69
N GLU A 379 18.49 8.68 -23.96
CA GLU A 379 19.26 7.44 -23.80
C GLU A 379 19.62 7.31 -22.32
N PHE A 380 19.19 6.21 -21.71
CA PHE A 380 19.07 6.11 -20.25
C PHE A 380 19.90 4.94 -19.76
N ASP A 381 20.88 5.22 -18.91
CA ASP A 381 21.71 4.20 -18.28
C ASP A 381 21.17 3.97 -16.87
N PRO A 382 20.33 2.96 -16.65
CA PRO A 382 19.51 2.91 -15.42
C PRO A 382 20.37 2.62 -14.20
N PRO A 383 20.21 3.39 -13.12
CA PRO A 383 21.12 3.27 -11.98
C PRO A 383 20.71 2.18 -11.00
N ASN A 384 21.73 1.64 -10.32
CA ASN A 384 21.53 0.73 -9.20
C ASN A 384 20.77 -0.54 -9.58
N THR A 385 20.81 -0.95 -10.86
CA THR A 385 20.12 -2.18 -11.25
C THR A 385 20.69 -3.40 -10.54
N LYS A 386 21.98 -3.41 -10.23
CA LYS A 386 22.55 -4.51 -9.48
C LYS A 386 21.98 -4.57 -8.06
N LEU A 387 21.90 -3.42 -7.37
CA LEU A 387 21.27 -3.43 -6.06
C LEU A 387 19.80 -3.84 -6.17
N ALA A 388 19.09 -3.35 -7.19
CA ALA A 388 17.68 -3.70 -7.34
C ALA A 388 17.52 -5.20 -7.55
N TYR A 389 18.37 -5.80 -8.39
CA TYR A 389 18.28 -7.23 -8.67
C TYR A 389 18.54 -8.05 -7.42
N GLU A 390 19.60 -7.71 -6.69
CA GLU A 390 19.96 -8.46 -5.48
C GLU A 390 18.91 -8.28 -4.40
N THR A 391 18.40 -7.06 -4.22
CA THR A 391 17.42 -6.84 -3.16
C THR A 391 16.14 -7.63 -3.44
N VAL A 392 15.64 -7.58 -4.68
CA VAL A 392 14.38 -8.25 -4.93
C VAL A 392 14.55 -9.76 -4.87
N HIS A 393 15.69 -10.27 -5.29
CA HIS A 393 15.88 -11.72 -5.22
C HIS A 393 16.08 -12.19 -3.78
N LYS A 394 16.66 -11.36 -2.90
CA LYS A 394 16.69 -11.71 -1.49
C LYS A 394 15.26 -11.75 -0.94
N TYR A 396 12.48 -12.47 -2.37
CA TYR A 396 11.72 -13.64 -2.78
C TYR A 396 11.85 -14.76 -1.76
N ASN A 397 13.05 -14.92 -1.17
CA ASN A 397 13.35 -16.11 -0.37
C ASN A 397 13.64 -15.80 1.10
N CYS A 398 13.38 -14.58 1.57
CA CYS A 398 13.89 -14.25 2.90
C CYS A 398 13.10 -14.91 4.04
N ASP A 399 12.07 -15.73 3.75
CA ASP A 399 11.55 -16.60 4.79
C ASP A 399 12.30 -17.94 4.85
N GLY A 400 13.50 -17.99 4.30
CA GLY A 400 14.27 -19.22 4.30
C GLY A 400 13.65 -20.32 3.46
N ASN A 401 12.81 -19.96 2.47
CA ASN A 401 12.01 -20.89 1.68
C ASN A 401 11.04 -21.69 2.54
N HIS A 402 10.63 -21.14 3.68
CA HIS A 402 9.74 -21.85 4.59
C HIS A 402 8.44 -22.29 3.93
N GLN A 404 7.53 -22.27 0.55
CA GLN A 404 7.75 -23.14 -0.61
C GLN A 404 8.08 -24.55 -0.16
N ARG A 405 8.96 -24.70 0.84
CA ARG A 405 9.33 -26.02 1.33
C ARG A 405 8.12 -26.75 1.95
N LYS A 406 7.29 -26.04 2.72
CA LYS A 406 6.11 -26.69 3.29
C LYS A 406 5.18 -27.20 2.21
N LEU A 407 4.91 -26.40 1.18
CA LEU A 407 3.98 -26.83 0.14
C LEU A 407 4.57 -27.93 -0.72
N LEU A 408 5.89 -27.92 -0.95
CA LEU A 408 6.52 -28.93 -1.79
C LEU A 408 6.72 -30.25 -1.05
N SER A 409 7.19 -30.20 0.21
CA SER A 409 7.43 -31.41 0.99
C SER A 409 6.13 -32.09 1.42
N GLY A 410 5.00 -31.38 1.42
CA GLY A 410 3.73 -32.02 1.73
C GLY A 410 3.36 -33.15 0.80
N SER A 411 3.90 -33.15 -0.42
CA SER A 411 3.70 -34.26 -1.35
C SER A 411 5.00 -34.97 -1.70
N ASN A 412 6.16 -34.41 -1.33
CA ASN A 412 7.46 -34.96 -1.68
C ASN A 412 7.66 -35.09 -3.20
N GLU A 413 6.94 -34.27 -3.98
CA GLU A 413 7.02 -34.32 -5.43
C GLU A 413 8.43 -33.96 -5.91
N PRO A 414 8.87 -34.50 -7.05
CA PRO A 414 10.24 -34.23 -7.50
C PRO A 414 10.42 -32.78 -7.91
N LEU A 415 11.58 -32.21 -7.54
CA LEU A 415 11.88 -30.83 -7.84
C LEU A 415 12.24 -30.65 -9.32
N THR A 416 11.60 -29.68 -9.95
CA THR A 416 11.94 -29.27 -11.32
C THR A 416 13.27 -28.52 -11.35
N LYS A 417 13.90 -28.51 -12.53
CA LYS A 417 15.20 -27.84 -12.68
C LYS A 417 15.11 -26.35 -12.31
N LEU A 418 14.15 -25.64 -12.88
CA LEU A 418 14.08 -24.21 -12.56
C LEU A 418 13.53 -23.95 -11.17
N THR A 419 13.00 -24.98 -10.49
CA THR A 419 12.59 -24.85 -9.11
C THR A 419 13.81 -24.83 -8.20
N LYS A 420 14.74 -25.77 -8.41
CA LYS A 420 16.04 -25.71 -7.77
C LYS A 420 16.69 -24.34 -8.00
N TRP A 421 16.56 -23.81 -9.21
CA TRP A 421 17.14 -22.51 -9.52
C TRP A 421 16.56 -21.41 -8.63
N ASN A 422 15.23 -21.28 -8.56
CA ASN A 422 14.67 -20.15 -7.82
C ASN A 422 14.74 -20.35 -6.31
N LEU A 423 14.80 -21.60 -5.85
CA LEU A 423 15.02 -21.84 -4.42
C LEU A 423 16.40 -21.38 -3.98
N ASN A 424 17.34 -21.19 -4.91
CA ASN A 424 18.67 -20.69 -4.56
C ASN A 424 18.88 -19.21 -4.89
N TYR A 425 17.80 -18.47 -5.12
CA TYR A 425 17.87 -17.10 -5.67
C TYR A 425 18.64 -16.12 -4.78
N GLY A 426 18.27 -16.00 -3.52
CA GLY A 426 18.86 -14.87 -2.80
C GLY A 426 19.92 -15.40 -1.85
N GLU A 427 19.57 -15.50 -0.57
CA GLU A 427 20.33 -16.33 0.36
C GLU A 427 19.62 -17.67 0.61
N GLY A 428 18.79 -18.11 -0.33
CA GLY A 428 18.12 -19.40 -0.27
C GLY A 428 17.46 -19.73 1.05
N ALA A 429 17.97 -20.77 1.73
CA ALA A 429 17.31 -21.25 2.94
C ALA A 429 17.65 -20.43 4.18
N LYS A 430 18.38 -19.33 4.06
CA LYS A 430 18.62 -18.49 5.23
C LYS A 430 17.34 -17.74 5.58
N HIS A 431 16.89 -17.90 6.83
CA HIS A 431 15.63 -17.31 7.27
C HIS A 431 15.94 -15.98 7.95
N TYR A 432 15.60 -14.88 7.28
CA TYR A 432 15.88 -13.55 7.79
C TYR A 432 15.11 -13.25 9.06
N ASP A 433 15.67 -12.41 9.91
CA ASP A 433 14.91 -11.82 11.00
C ASP A 433 14.22 -10.52 10.52
N VAL A 434 13.30 -10.01 11.34
CA VAL A 434 12.44 -8.88 10.94
C VAL A 434 13.28 -7.63 10.63
N ALA A 435 14.25 -7.32 11.50
CA ALA A 435 15.10 -6.15 11.27
C ALA A 435 15.79 -6.20 9.91
N SER A 436 16.26 -7.39 9.49
CA SER A 436 16.94 -7.46 8.19
C SER A 436 15.95 -7.38 7.02
N ASN A 437 14.71 -7.86 7.20
CA ASN A 437 13.68 -7.66 6.17
C ASN A 437 13.33 -6.19 6.03
N ARG A 438 13.25 -5.46 7.15
CA ARG A 438 12.95 -4.03 7.11
C ARG A 438 14.02 -3.23 6.36
N GLU A 439 15.30 -3.63 6.49
CA GLU A 439 16.36 -2.98 5.73
C GLU A 439 16.18 -3.17 4.22
N LEU A 440 15.75 -4.36 3.79
CA LEU A 440 15.44 -4.52 2.36
C LEU A 440 14.33 -3.56 1.91
N ASN A 441 13.30 -3.37 2.77
CA ASN A 441 12.23 -2.42 2.50
C ASN A 441 12.77 -1.00 2.32
N VAL A 442 13.74 -0.61 3.16
CA VAL A 442 14.35 0.72 3.07
C VAL A 442 15.03 0.89 1.72
N THR A 443 15.83 -0.11 1.32
CA THR A 443 16.45 -0.09 0.00
C THR A 443 15.42 0.07 -1.12
N ARG A 444 14.32 -0.69 -1.04
CA ARG A 444 13.27 -0.59 -2.04
C ARG A 444 12.72 0.83 -2.14
N ASP A 445 12.48 1.46 -1.00
CA ASP A 445 11.92 2.80 -1.03
C ASP A 445 12.92 3.80 -1.61
N GLN A 446 14.21 3.62 -1.33
CA GLN A 446 15.22 4.51 -1.91
C GLN A 446 15.28 4.35 -3.43
N LEU A 447 15.20 3.12 -3.92
CA LEU A 447 15.21 2.89 -5.36
C LEU A 447 13.98 3.51 -6.02
N ARG A 448 12.81 3.30 -5.42
CA ARG A 448 11.58 3.88 -5.95
C ARG A 448 11.68 5.40 -6.07
N ASP A 449 12.24 6.06 -5.05
CA ASP A 449 12.37 7.51 -5.12
C ASP A 449 13.40 7.90 -6.18
N GLN A 450 14.51 7.16 -6.27
CA GLN A 450 15.53 7.51 -7.25
C GLN A 450 14.94 7.51 -8.65
N TYR A 451 14.10 6.52 -8.97
CA TYR A 451 13.54 6.39 -10.31
C TYR A 451 12.37 7.34 -10.52
N ASN A 452 11.55 7.54 -9.49
CA ASN A 452 10.45 8.49 -9.63
C ASN A 452 11.01 9.90 -9.80
N ASP A 453 12.07 10.25 -9.04
CA ASP A 453 12.70 11.55 -9.18
C ASP A 453 13.30 11.74 -10.56
N PHE A 454 13.79 10.66 -11.17
CA PHE A 454 14.33 10.74 -12.52
C PHE A 454 13.26 11.16 -13.52
N VAL A 456 10.19 12.50 -12.84
CA VAL A 456 9.58 13.79 -12.49
C VAL A 456 10.50 14.94 -12.93
N GLN A 457 11.75 14.92 -12.47
CA GLN A 457 12.68 16.02 -12.67
C GLN A 457 13.10 16.20 -14.12
N ASN A 458 13.03 15.14 -14.93
CA ASN A 458 13.41 15.19 -16.32
C ASN A 458 12.19 15.14 -17.24
N LYS A 459 11.00 15.31 -16.67
CA LYS A 459 9.73 15.31 -17.42
C LYS A 459 9.64 14.13 -18.38
N VAL A 460 10.09 12.97 -17.91
CA VAL A 460 10.00 11.72 -18.66
C VAL A 460 8.60 11.14 -18.49
N ASP A 461 7.96 10.77 -19.60
CA ASP A 461 6.66 10.10 -19.52
C ASP A 461 6.77 8.59 -19.33
N PHE A 462 7.65 7.91 -20.07
CA PHE A 462 7.71 6.45 -20.03
C PHE A 462 9.14 5.96 -20.21
N ILE A 463 9.38 4.74 -19.76
CA ILE A 463 10.65 4.05 -19.96
C ILE A 463 10.41 2.85 -20.85
N LEU A 464 11.18 2.75 -21.93
CA LEU A 464 11.08 1.67 -22.89
C LEU A 464 12.31 0.78 -22.70
N SER A 465 12.09 -0.53 -22.65
CA SER A 465 13.18 -1.42 -22.28
C SER A 465 12.86 -2.82 -22.79
N PRO A 466 13.87 -3.71 -22.87
CA PRO A 466 13.60 -5.11 -23.20
C PRO A 466 12.76 -5.77 -22.12
N THR A 467 12.16 -6.91 -22.47
CA THR A 467 11.44 -7.73 -21.51
C THR A 467 12.30 -8.83 -20.93
N TYR A 468 13.37 -9.18 -21.62
CA TYR A 468 14.20 -10.36 -21.36
C TYR A 468 15.42 -10.17 -22.26
N ASN A 469 16.54 -10.82 -21.92
CA ASN A 469 17.75 -10.64 -22.73
C ASN A 469 17.74 -11.47 -24.01
N ASN A 470 16.57 -11.97 -24.40
CA ASN A 470 16.43 -12.80 -25.58
C ASN A 470 14.95 -12.82 -25.92
N VAL A 471 14.62 -13.43 -27.06
CA VAL A 471 13.24 -13.81 -27.35
C VAL A 471 12.95 -15.01 -26.46
N ALA A 472 11.80 -15.66 -26.65
CA ALA A 472 11.40 -16.79 -25.83
C ALA A 472 12.55 -17.79 -25.66
N PRO A 473 12.80 -18.27 -24.45
CA PRO A 473 13.91 -19.20 -24.23
C PRO A 473 13.52 -20.63 -24.56
N HIS A 474 14.53 -21.49 -24.63
CA HIS A 474 14.24 -22.92 -24.67
C HIS A 474 13.68 -23.35 -23.32
N SER A 475 12.86 -24.41 -23.33
CA SER A 475 12.25 -24.87 -22.09
C SER A 475 13.32 -25.16 -21.04
N GLU A 476 13.03 -24.71 -19.81
CA GLU A 476 13.88 -24.95 -18.64
C GLU A 476 15.25 -24.31 -18.76
N GLU A 477 15.38 -23.27 -19.59
CA GLU A 477 16.67 -22.62 -19.84
C GLU A 477 16.52 -21.10 -19.82
N VAL A 478 15.84 -20.59 -18.78
CA VAL A 478 15.73 -19.14 -18.59
C VAL A 478 16.01 -18.84 -17.13
N TYR A 479 17.06 -18.04 -16.87
CA TYR A 479 17.68 -17.88 -15.58
C TYR A 479 17.68 -16.44 -15.06
N ASN A 480 17.76 -15.45 -15.94
CA ASN A 480 17.88 -14.05 -15.55
C ASN A 480 16.54 -13.34 -15.70
N TRP A 481 16.00 -12.83 -14.59
CA TRP A 481 14.77 -12.05 -14.60
C TRP A 481 14.98 -10.52 -14.55
N SER A 482 16.23 -10.06 -14.67
CA SER A 482 16.51 -8.66 -14.31
C SER A 482 15.65 -7.67 -15.08
N TYR A 483 15.30 -7.98 -16.34
CA TYR A 483 14.59 -7.01 -17.18
C TYR A 483 13.14 -6.83 -16.74
N THR A 484 12.52 -7.85 -16.14
CA THR A 484 11.17 -7.69 -15.60
C THR A 484 11.16 -7.43 -14.11
N SER A 485 12.06 -8.07 -13.35
CA SER A 485 11.98 -7.96 -11.90
C SER A 485 12.28 -6.55 -11.42
N LEU A 486 12.98 -5.74 -12.22
CA LEU A 486 13.22 -4.35 -11.85
C LEU A 486 11.90 -3.61 -11.60
N TRP A 487 10.93 -3.78 -12.49
CA TRP A 487 9.65 -3.08 -12.32
C TRP A 487 8.78 -3.70 -11.23
N ASN A 488 9.11 -4.89 -10.73
CA ASN A 488 8.39 -5.40 -9.55
C ASN A 488 8.87 -4.72 -8.28
N ILE A 489 10.19 -4.54 -8.13
CA ILE A 489 10.65 -3.91 -6.89
C ILE A 489 10.33 -2.41 -6.92
N LEU A 490 10.37 -1.77 -8.09
CA LEU A 490 9.93 -0.38 -8.17
C LEU A 490 8.42 -0.24 -8.13
N ASP A 491 7.68 -1.30 -8.47
CA ASP A 491 6.21 -1.27 -8.59
C ASP A 491 5.74 -0.18 -9.56
N PHE A 492 6.34 -0.14 -10.75
CA PHE A 492 5.85 0.76 -11.79
C PHE A 492 4.91 0.03 -12.72
N PRO A 493 3.78 0.60 -13.14
CA PRO A 493 2.92 -0.10 -14.11
C PRO A 493 3.64 -0.24 -15.44
N THR A 494 3.63 -1.45 -15.98
CA THR A 494 4.45 -1.78 -17.14
C THR A 494 3.64 -2.57 -18.16
N LEU A 495 3.57 -2.05 -19.38
CA LEU A 495 2.92 -2.73 -20.49
C LEU A 495 3.95 -3.52 -21.27
N SER A 496 3.69 -4.80 -21.47
CA SER A 496 4.45 -5.62 -22.40
C SER A 496 3.66 -5.66 -23.72
N PHE A 497 4.29 -5.19 -24.81
CA PHE A 497 3.58 -5.03 -26.08
C PHE A 497 4.40 -5.60 -27.24
N GLN A 498 3.72 -6.27 -28.18
CA GLN A 498 4.39 -6.74 -29.39
C GLN A 498 4.83 -5.59 -30.28
N THR A 499 6.04 -5.70 -30.83
CA THR A 499 6.56 -4.70 -31.75
C THR A 499 6.18 -4.95 -33.20
N GLY A 500 5.68 -6.14 -33.54
CA GLY A 500 5.49 -6.53 -34.92
C GLY A 500 6.74 -7.08 -35.58
N ILE A 501 7.85 -7.17 -34.85
CA ILE A 501 9.10 -7.71 -35.34
C ILE A 501 9.25 -9.15 -34.85
N PHE A 502 9.83 -9.99 -35.70
CA PHE A 502 10.08 -11.39 -35.38
C PHE A 502 11.55 -11.66 -35.63
N GLN A 503 12.11 -12.58 -34.84
CA GLN A 503 13.49 -12.96 -35.06
C GLN A 503 13.66 -13.47 -36.49
N ASP A 504 14.81 -13.12 -37.08
CA ASP A 504 15.16 -13.50 -38.44
C ASP A 504 16.50 -14.22 -38.40
N PRO A 505 16.55 -15.52 -38.62
CA PRO A 505 17.83 -16.23 -38.48
C PRO A 505 18.89 -15.78 -39.47
N THR A 506 18.50 -15.20 -40.61
CA THR A 506 19.52 -14.74 -41.54
C THR A 506 20.14 -13.41 -41.15
N LYS A 507 19.60 -12.72 -40.15
CA LYS A 507 20.14 -11.43 -39.78
C LYS A 507 20.33 -11.20 -38.29
N ASP A 508 19.70 -11.98 -37.40
CA ASP A 508 19.86 -11.79 -35.96
C ASP A 508 20.98 -12.70 -35.44
N LYS A 509 22.22 -12.35 -35.78
CA LYS A 509 23.37 -13.10 -35.30
C LYS A 509 24.38 -12.15 -34.69
N TRP A 510 25.27 -12.71 -33.87
CA TRP A 510 26.27 -11.91 -33.21
C TRP A 510 27.21 -11.30 -34.25
N THR A 511 27.65 -10.08 -34.02
CA THR A 511 28.67 -9.48 -34.87
C THR A 511 30.07 -9.85 -34.37
N GLU A 512 31.08 -9.44 -35.16
CA GLU A 512 32.46 -9.69 -34.77
C GLU A 512 32.86 -8.82 -33.59
N GLU A 513 32.34 -7.60 -33.54
CA GLU A 513 32.50 -6.79 -32.33
C GLU A 513 31.84 -7.45 -31.13
N ASP A 514 30.69 -8.11 -31.34
CA ASP A 514 30.05 -8.80 -30.22
C ASP A 514 30.94 -9.92 -29.66
N THR A 515 31.75 -10.57 -30.50
CA THR A 515 32.47 -11.75 -30.03
C THR A 515 33.61 -11.41 -29.07
N LYS A 516 34.02 -10.14 -29.02
CA LYS A 516 35.03 -9.71 -28.08
C LYS A 516 34.42 -9.05 -26.84
N TYR A 517 33.15 -9.33 -26.56
CA TYR A 517 32.52 -8.88 -25.33
C TYR A 517 33.15 -9.56 -24.12
N LYS A 518 33.36 -8.79 -23.06
CA LYS A 518 33.84 -9.30 -21.79
C LYS A 518 32.65 -9.43 -20.83
N TYR A 519 32.36 -10.65 -20.40
CA TYR A 519 31.18 -10.88 -19.57
C TYR A 519 31.38 -10.28 -18.19
N ARG A 520 30.32 -9.71 -17.63
CA ARG A 520 30.38 -9.15 -16.28
C ARG A 520 30.08 -10.15 -15.18
N SER A 521 29.52 -11.32 -15.51
CA SER A 521 29.12 -12.27 -14.47
C SER A 521 28.94 -13.65 -15.10
N LYS A 522 28.87 -14.67 -14.24
CA LYS A 522 28.58 -16.00 -14.76
C LYS A 522 27.17 -16.06 -15.34
N LEU A 523 26.22 -15.36 -14.70
CA LEU A 523 24.84 -15.36 -15.18
C LEU A 523 24.74 -14.78 -16.58
N GLU A 524 25.45 -13.66 -16.84
CA GLU A 524 25.41 -13.09 -18.18
C GLU A 524 25.95 -14.07 -19.21
N GLN A 525 27.01 -14.79 -18.85
CA GLN A 525 27.61 -15.75 -19.78
C GLN A 525 26.65 -16.92 -20.03
N LEU A 526 26.10 -17.46 -18.94
CA LEU A 526 25.09 -18.52 -19.06
C LEU A 526 24.00 -18.12 -20.06
N GLU A 527 23.42 -16.93 -19.89
CA GLU A 527 22.32 -16.51 -20.75
C GLU A 527 22.79 -16.26 -22.19
N ASN A 528 23.88 -15.51 -22.37
CA ASN A 528 24.29 -15.13 -23.72
C ASN A 528 24.81 -16.31 -24.53
N GLU A 529 25.45 -17.28 -23.88
CA GLU A 529 25.99 -18.40 -24.67
C GLU A 529 24.89 -19.37 -25.11
N ASN A 530 23.66 -19.21 -24.62
CA ASN A 530 22.54 -19.99 -25.13
C ASN A 530 21.97 -19.44 -26.44
N TYR A 531 22.29 -18.21 -26.82
CA TYR A 531 21.67 -17.68 -28.03
C TYR A 531 22.29 -18.35 -29.25
N ASP A 532 21.44 -18.85 -30.13
CA ASP A 532 21.80 -19.51 -31.39
C ASP A 532 20.78 -19.10 -32.43
N PRO A 533 21.18 -18.38 -33.48
CA PRO A 533 20.21 -17.91 -34.49
C PRO A 533 19.32 -18.99 -35.07
N SER A 534 19.86 -20.19 -35.30
CA SER A 534 19.07 -21.23 -35.97
C SER A 534 18.08 -21.92 -35.03
N GLN A 535 18.14 -21.66 -33.73
CA GLN A 535 17.34 -22.38 -32.74
C GLN A 535 16.26 -21.49 -32.11
N PHE A 536 16.02 -20.30 -32.64
CA PHE A 536 15.01 -19.41 -32.10
C PHE A 536 14.19 -18.77 -33.21
N VAL A 537 13.98 -19.51 -34.32
CA VAL A 537 13.51 -18.91 -35.57
C VAL A 537 12.14 -18.27 -35.42
N GLY A 538 12.02 -17.01 -35.83
CA GLY A 538 10.73 -16.39 -36.00
C GLY A 538 10.00 -16.04 -34.72
N ALA A 539 10.68 -16.12 -33.57
CA ALA A 539 10.05 -15.79 -32.30
C ALA A 539 9.70 -14.31 -32.22
N PRO A 540 8.52 -13.97 -31.72
CA PRO A 540 8.14 -12.55 -31.61
C PRO A 540 9.02 -11.82 -30.60
N VAL A 541 9.19 -10.52 -30.84
CA VAL A 541 9.87 -9.61 -29.91
C VAL A 541 8.84 -8.70 -29.29
N GLY A 542 8.69 -8.77 -27.97
CA GLY A 542 7.86 -7.84 -27.24
C GLY A 542 8.72 -7.01 -26.30
N LEU A 543 8.34 -5.75 -26.12
CA LEU A 543 9.10 -4.81 -25.32
C LEU A 543 8.22 -4.25 -24.20
N GLN A 544 8.86 -3.59 -23.22
CA GLN A 544 8.16 -3.07 -22.06
C GLN A 544 8.09 -1.54 -22.09
N LEU A 545 6.91 -1.02 -21.75
CA LEU A 545 6.68 0.40 -21.53
C LEU A 545 6.22 0.61 -20.08
N SER A 546 7.05 1.27 -19.28
CA SER A 546 6.77 1.51 -17.87
C SER A 546 6.45 2.98 -17.61
N GLY A 547 5.42 3.23 -16.80
CA GLY A 547 5.06 4.57 -16.38
C GLY A 547 5.25 4.77 -14.88
N LYS A 548 5.01 6.00 -14.44
CA LYS A 548 5.07 6.31 -13.03
C LYS A 548 3.95 5.58 -12.28
N ARG A 549 4.15 5.40 -10.97
CA ARG A 549 3.24 4.60 -10.15
C ARG A 549 1.83 5.17 -10.17
N TYR A 550 0.86 4.30 -10.43
CA TYR A 550 -0.58 4.59 -10.47
C TYR A 550 -0.98 5.42 -11.68
N PHE A 551 -0.10 5.53 -12.67
CA PHE A 551 -0.45 6.14 -13.95
C PHE A 551 -0.67 5.09 -15.03
N ASP A 552 -1.25 3.94 -14.63
CA ASP A 552 -1.57 2.85 -15.56
C ASP A 552 -2.35 3.33 -16.77
N GLU A 553 -3.28 4.26 -16.56
CA GLU A 553 -4.14 4.71 -17.64
C GLU A 553 -3.33 5.34 -18.75
N GLU A 554 -2.36 6.20 -18.39
CA GLU A 554 -1.48 6.80 -19.39
C GLU A 554 -0.62 5.75 -20.09
N VAL A 555 -0.20 4.70 -19.37
CA VAL A 555 0.61 3.65 -19.97
C VAL A 555 -0.14 3.02 -21.13
N LEU A 556 -1.40 2.62 -20.89
CA LEU A 556 -2.19 1.98 -21.94
C LEU A 556 -2.51 2.95 -23.07
N ALA A 557 -2.79 4.21 -22.74
CA ALA A 557 -3.12 5.20 -23.76
C ALA A 557 -1.94 5.38 -24.70
N ALA A 558 -0.73 5.54 -24.16
CA ALA A 558 0.46 5.67 -24.98
C ALA A 558 0.80 4.35 -25.67
N GLY A 559 0.58 3.23 -24.97
CA GLY A 559 0.75 1.95 -25.64
C GLY A 559 -0.11 1.85 -26.88
N LYS A 560 -1.32 2.40 -26.82
CA LYS A 560 -2.22 2.36 -27.97
C LYS A 560 -1.67 3.20 -29.12
N ALA A 561 -1.14 4.39 -28.83
CA ALA A 561 -0.49 5.19 -29.86
C ALA A 561 0.68 4.47 -30.49
N ILE A 562 1.51 3.80 -29.67
CA ILE A 562 2.75 3.20 -30.17
C ILE A 562 2.44 1.99 -31.05
N VAL A 563 1.49 1.16 -30.63
CA VAL A 563 1.12 -0.01 -31.44
C VAL A 563 0.52 0.43 -32.77
N ASP A 564 -0.18 1.57 -32.77
CA ASP A 564 -0.72 2.08 -34.03
C ASP A 564 0.39 2.67 -34.90
N LEU A 565 1.31 3.43 -34.29
CA LEU A 565 2.49 3.89 -35.03
C LEU A 565 3.24 2.73 -35.69
N LEU A 566 3.31 1.58 -35.01
CA LEU A 566 4.09 0.44 -35.50
C LEU A 566 3.30 -0.47 -36.43
N GLY A 567 2.01 -0.23 -36.62
CA GLY A 567 1.21 -1.09 -37.46
C GLY A 567 0.97 -2.48 -36.91
N VAL A 568 0.96 -2.64 -35.59
CA VAL A 568 0.80 -3.97 -35.00
C VAL A 568 -0.67 -4.34 -34.99
N ASP A 569 -1.02 -5.41 -35.71
CA ASP A 569 -2.38 -5.95 -35.73
C ASP A 569 -2.26 -7.47 -35.52
N LEU A 570 -2.47 -7.91 -34.28
CA LEU A 570 -2.31 -9.32 -33.92
C LEU A 570 -3.47 -10.17 -34.39
N TYR A 571 -4.57 -9.56 -34.81
CA TYR A 571 -5.68 -10.27 -35.44
C TYR A 571 -5.36 -10.51 -36.93
N VAL B 3 -3.50 -4.30 41.42
CA VAL B 3 -2.78 -4.55 40.17
C VAL B 3 -1.77 -3.44 39.89
N SER B 4 -0.50 -3.81 39.65
CA SER B 4 0.55 -2.84 39.39
C SER B 4 1.16 -3.10 38.01
N TYR B 5 1.71 -2.05 37.40
CA TYR B 5 2.20 -2.17 36.04
C TYR B 5 3.42 -3.06 35.93
N GLU B 6 4.17 -3.26 37.02
CA GLU B 6 5.34 -4.14 37.00
C GLU B 6 4.99 -5.57 36.63
N THR B 7 3.74 -5.99 36.88
CA THR B 7 3.30 -7.35 36.53
C THR B 7 3.59 -7.69 35.07
N PHE B 8 3.49 -6.70 34.18
CA PHE B 8 3.54 -6.90 32.73
C PHE B 8 4.94 -6.87 32.13
N LEU B 9 5.97 -6.61 32.92
CA LEU B 9 7.28 -6.27 32.35
C LEU B 9 8.19 -7.48 32.23
N ASN B 10 7.69 -8.57 31.66
CA ASN B 10 8.44 -9.83 31.59
C ASN B 10 8.84 -10.20 30.17
N LYS B 11 8.96 -9.22 29.27
CA LYS B 11 9.21 -9.51 27.85
C LYS B 11 10.51 -8.94 27.31
N ASP B 12 11.01 -7.85 27.89
CA ASP B 12 12.31 -7.29 27.57
C ASP B 12 13.01 -7.11 28.91
N PRO B 13 14.14 -7.77 29.16
CA PRO B 13 14.86 -7.58 30.44
C PRO B 13 15.32 -6.14 30.67
N LEU B 14 15.47 -5.32 29.62
CA LEU B 14 15.78 -3.89 29.74
C LEU B 14 17.16 -3.65 30.37
N ASP B 15 18.13 -4.54 30.13
CA ASP B 15 19.42 -4.43 30.80
C ASP B 15 20.55 -3.93 29.91
N LYS B 16 20.29 -3.69 28.62
CA LYS B 16 21.32 -3.14 27.73
C LYS B 16 20.89 -1.80 27.16
N TYR B 17 20.13 -1.01 27.92
CA TYR B 17 19.69 0.30 27.47
C TYR B 17 20.44 1.43 28.16
N GLU B 18 20.34 1.53 29.49
CA GLU B 18 20.73 2.75 30.18
C GLU B 18 21.96 2.55 31.06
N ASP B 19 22.75 3.61 31.17
CA ASP B 19 24.00 3.65 31.95
C ASP B 19 24.15 5.09 32.42
N SER B 20 23.89 5.31 33.71
CA SER B 20 23.80 6.68 34.22
C SER B 20 25.12 7.43 34.07
N GLU B 21 26.24 6.73 34.27
CA GLU B 21 27.53 7.41 34.27
C GLU B 21 27.90 7.89 32.86
N ILE B 22 27.69 7.03 31.86
CA ILE B 22 27.96 7.44 30.48
C ILE B 22 27.04 8.59 30.07
N TYR B 23 25.74 8.45 30.34
CA TYR B 23 24.79 9.49 29.94
C TYR B 23 25.15 10.82 30.57
N THR B 24 25.44 10.82 31.88
CA THR B 24 25.78 12.04 32.61
C THR B 24 26.98 12.74 31.99
N LYS B 25 28.02 11.96 31.66
CA LYS B 25 29.29 12.54 31.20
C LYS B 25 29.21 13.03 29.74
N GLU B 26 28.63 12.23 28.85
CA GLU B 26 28.76 12.51 27.41
C GLU B 26 27.58 13.26 26.80
N TRP B 27 26.39 13.16 27.39
CA TRP B 27 25.18 13.55 26.69
C TRP B 27 24.40 14.63 27.43
N LEU B 28 24.17 14.44 28.74
CA LEU B 28 23.46 15.44 29.54
C LEU B 28 23.95 16.87 29.29
N PRO B 29 25.26 17.15 29.15
CA PRO B 29 25.65 18.54 28.80
C PRO B 29 24.98 19.05 27.55
N LYS B 30 24.83 18.21 26.52
CA LYS B 30 24.14 18.63 25.30
C LYS B 30 22.66 18.88 25.55
N VAL B 31 22.03 18.03 26.37
CA VAL B 31 20.62 18.26 26.70
C VAL B 31 20.44 19.59 27.43
N GLU B 32 21.31 19.88 28.40
CA GLU B 32 21.15 21.12 29.16
C GLU B 32 21.29 22.34 28.27
N LYS B 33 22.29 22.33 27.36
CA LYS B 33 22.38 23.39 26.36
C LYS B 33 21.09 23.51 25.54
N TYR B 34 20.46 22.38 25.21
CA TYR B 34 19.21 22.40 24.46
C TYR B 34 18.08 22.97 25.31
N ARG B 35 18.06 22.63 26.59
CA ARG B 35 17.07 23.20 27.50
C ARG B 35 17.26 24.70 27.66
N GLN B 36 18.52 25.17 27.63
CA GLN B 36 18.78 26.59 27.83
C GLN B 36 18.48 27.40 26.58
N ASP B 37 18.66 26.80 25.41
CA ASP B 37 18.28 27.47 24.16
C ASP B 37 16.78 27.64 24.06
N LEU B 38 16.00 26.70 24.60
CA LEU B 38 14.56 26.87 24.61
C LEU B 38 14.15 28.03 25.51
N LYS B 39 14.72 28.09 26.72
CA LYS B 39 14.41 29.19 27.64
C LYS B 39 14.75 30.54 27.02
N ASP B 40 15.95 30.68 26.44
CA ASP B 40 16.34 31.91 25.78
C ASP B 40 15.40 32.26 24.62
N ALA B 41 14.84 31.25 23.93
CA ALA B 41 14.02 31.53 22.76
C ALA B 41 12.60 31.98 23.12
N ILE B 42 12.19 31.85 24.38
CA ILE B 42 10.87 32.31 24.77
C ILE B 42 10.85 33.84 24.71
N PRO B 43 9.94 34.45 23.93
CA PRO B 43 9.90 35.93 23.89
C PRO B 43 9.45 36.53 25.22
N LYS B 44 10.37 37.21 25.92
CA LYS B 44 10.11 37.60 27.31
C LYS B 44 8.95 38.59 27.41
N ASN B 45 8.77 39.44 26.40
CA ASN B 45 7.63 40.36 26.38
C ASN B 45 6.30 39.63 26.38
N TYR B 46 6.19 38.52 25.62
CA TYR B 46 4.96 37.76 25.53
C TYR B 46 4.67 36.91 26.77
N THR B 47 5.55 36.86 27.76
CA THR B 47 5.31 36.00 28.91
C THR B 47 4.42 36.70 29.93
N ILE B 48 3.96 35.90 30.90
CA ILE B 48 3.03 36.32 31.93
C ILE B 48 3.61 35.89 33.27
N GLU B 49 3.14 36.51 34.34
CA GLU B 49 3.47 36.09 35.69
C GLU B 49 2.46 35.04 36.15
N LEU B 50 2.93 33.84 36.44
CA LEU B 50 2.01 32.76 36.79
C LEU B 50 1.28 33.08 38.09
N PRO B 51 -0.01 32.74 38.20
CA PRO B 51 -0.74 33.01 39.46
C PRO B 51 -0.19 32.26 40.66
N LYS B 52 0.17 30.99 40.49
CA LYS B 52 0.92 30.24 41.47
C LYS B 52 2.04 29.52 40.76
N PRO B 53 3.05 29.05 41.49
CA PRO B 53 4.09 28.24 40.83
C PRO B 53 3.48 27.05 40.11
N ILE B 54 4.12 26.66 39.00
CA ILE B 54 3.53 25.67 38.09
C ILE B 54 3.17 24.39 38.83
N ASP B 55 4.00 23.98 39.80
CA ASP B 55 3.73 22.76 40.55
C ASP B 55 2.43 22.87 41.35
N ASP B 56 2.10 24.07 41.84
CA ASP B 56 0.84 24.23 42.57
C ASP B 56 -0.35 24.32 41.63
N LEU B 57 -0.18 25.00 40.49
CA LEU B 57 -1.21 24.98 39.46
C LEU B 57 -1.54 23.55 39.04
N ILE B 58 -0.51 22.71 38.86
CA ILE B 58 -0.73 21.34 38.43
C ILE B 58 -1.55 20.57 39.46
N LYS B 59 -1.11 20.61 40.72
CA LYS B 59 -1.79 19.90 41.80
C LYS B 59 -3.23 20.38 41.98
N ASP B 60 -3.54 21.61 41.58
CA ASP B 60 -4.89 22.16 41.74
C ASP B 60 -5.79 21.93 40.53
N GLN B 61 -5.37 21.11 39.57
CA GLN B 61 -6.17 20.84 38.37
C GLN B 61 -6.57 22.14 37.68
N PHE B 62 -5.60 23.06 37.60
CA PHE B 62 -5.80 24.38 37.00
C PHE B 62 -6.29 24.28 35.55
N ASN B 63 -7.32 25.06 35.22
CA ASN B 63 -7.83 25.16 33.86
C ASN B 63 -7.20 26.38 33.20
N ALA B 64 -6.10 26.15 32.46
CA ALA B 64 -5.39 27.29 31.87
C ALA B 64 -6.21 27.98 30.77
N VAL B 65 -7.13 27.26 30.11
CA VAL B 65 -7.89 27.89 29.04
C VAL B 65 -8.91 28.87 29.60
N ASP B 66 -9.57 28.51 30.71
CA ASP B 66 -10.44 29.47 31.38
C ASP B 66 -9.66 30.69 31.85
N TYR B 67 -8.48 30.48 32.43
CA TYR B 67 -7.62 31.59 32.86
C TYR B 67 -7.29 32.53 31.70
N LEU B 68 -6.98 31.97 30.54
CA LEU B 68 -6.63 32.79 29.38
C LEU B 68 -7.73 33.79 29.06
N TYR B 69 -8.99 33.36 29.15
CA TYR B 69 -10.10 34.22 28.76
C TYR B 69 -10.58 35.12 29.90
N SER B 70 -10.55 34.64 31.15
CA SER B 70 -11.08 35.42 32.25
C SER B 70 -10.10 36.50 32.73
N GLN B 71 -8.80 36.27 32.60
CA GLN B 71 -7.79 37.29 32.86
C GLN B 71 -7.43 38.08 31.62
N LYS B 72 -8.01 37.74 30.47
CA LYS B 72 -7.82 38.46 29.20
C LYS B 72 -6.35 38.75 28.93
N LEU B 73 -5.57 37.69 28.72
CA LEU B 73 -4.13 37.81 28.52
C LEU B 73 -3.78 38.31 27.12
N LEU B 74 -4.73 38.26 26.19
CA LEU B 74 -4.54 38.79 24.86
C LEU B 74 -5.45 40.00 24.68
N THR B 75 -5.01 40.95 23.86
CA THR B 75 -5.85 42.07 23.50
C THR B 75 -7.08 41.60 22.75
N PRO B 76 -8.17 42.38 22.79
CA PRO B 76 -9.36 42.04 21.99
C PRO B 76 -9.04 41.66 20.56
N GLU B 77 -8.08 42.37 19.97
CA GLU B 77 -7.68 42.14 18.58
C GLU B 77 -6.98 40.79 18.42
N GLU B 78 -6.02 40.49 19.30
CA GLU B 78 -5.36 39.19 19.28
C GLU B 78 -6.36 38.06 19.46
N PHE B 79 -7.30 38.23 20.40
CA PHE B 79 -8.36 37.23 20.58
C PHE B 79 -9.20 37.07 19.32
N ALA B 80 -9.45 38.17 18.61
CA ALA B 80 -10.26 38.08 17.41
C ALA B 80 -9.53 37.32 16.31
N ILE B 81 -8.21 37.46 16.26
CA ILE B 81 -7.42 36.78 15.23
C ILE B 81 -7.27 35.30 15.55
N THR B 82 -6.91 34.96 16.79
CA THR B 82 -6.65 33.57 17.14
C THR B 82 -7.90 32.75 17.38
N ASP B 83 -9.09 33.34 17.38
CA ASP B 83 -10.30 32.54 17.42
C ASP B 83 -11.06 32.55 16.08
N LEU B 84 -10.36 32.84 14.98
CA LEU B 84 -10.83 32.51 13.64
C LEU B 84 -10.25 31.16 13.21
N SER B 85 -11.07 30.36 12.53
CA SER B 85 -10.55 29.16 11.90
C SER B 85 -9.55 29.54 10.81
N ALA B 86 -8.61 28.64 10.54
CA ALA B 86 -7.62 28.87 9.50
C ALA B 86 -8.28 29.10 8.14
N THR B 87 -9.45 28.52 7.92
CA THR B 87 -10.15 28.76 6.66
C THR B 87 -10.52 30.24 6.53
N GLU B 88 -11.12 30.81 7.57
CA GLU B 88 -11.48 32.22 7.51
C GLU B 88 -10.24 33.11 7.51
N LEU B 89 -9.22 32.77 8.31
CA LEU B 89 -7.97 33.53 8.30
C LEU B 89 -7.36 33.59 6.91
N ALA B 90 -7.32 32.44 6.21
CA ALA B 90 -6.71 32.41 4.87
C ALA B 90 -7.51 33.25 3.89
N LYS B 91 -8.85 33.26 4.02
CA LYS B 91 -9.67 34.12 3.18
C LYS B 91 -9.38 35.58 3.47
N LYS B 92 -9.33 35.95 4.76
CA LYS B 92 -9.14 37.36 5.13
C LYS B 92 -7.75 37.84 4.75
N ILE B 93 -6.73 36.99 4.90
CA ILE B 93 -5.39 37.38 4.49
C ILE B 93 -5.34 37.60 2.98
N ALA B 94 -5.91 36.66 2.23
CA ALA B 94 -5.94 36.75 0.77
C ALA B 94 -6.81 37.92 0.30
N ALA B 95 -7.80 38.33 1.10
CA ALA B 95 -8.58 39.52 0.77
C ALA B 95 -7.80 40.80 1.02
N GLY B 96 -6.82 40.76 1.93
CA GLY B 96 -6.13 41.95 2.36
C GLY B 96 -6.69 42.56 3.64
N GLU B 97 -7.73 41.96 4.21
CA GLU B 97 -8.30 42.45 5.45
C GLU B 97 -7.39 42.22 6.65
N LEU B 98 -6.45 41.29 6.55
CA LEU B 98 -5.48 41.05 7.61
C LEU B 98 -4.11 40.87 6.98
N SER B 99 -3.07 41.22 7.72
CA SER B 99 -1.71 40.98 7.27
C SER B 99 -1.14 39.75 8.00
N SER B 100 -0.23 39.05 7.31
CA SER B 100 0.39 37.85 7.88
C SER B 100 1.20 38.17 9.13
N VAL B 101 1.97 39.27 9.10
CA VAL B 101 2.70 39.68 10.30
C VAL B 101 1.74 39.82 11.49
N GLU B 102 0.62 40.48 11.25
CA GLU B 102 -0.39 40.69 12.29
C GLU B 102 -0.96 39.37 12.79
N VAL B 103 -1.28 38.46 11.86
CA VAL B 103 -1.80 37.16 12.26
C VAL B 103 -0.74 36.38 13.04
N PHE B 104 0.50 36.37 12.56
CA PHE B 104 1.58 35.67 13.25
C PHE B 104 1.76 36.15 14.68
N LYS B 105 1.91 37.46 14.88
CA LYS B 105 2.20 37.97 16.21
C LYS B 105 1.13 37.57 17.21
N ALA B 106 -0.14 37.60 16.81
CA ALA B 106 -1.20 37.14 17.69
C ALA B 106 -0.96 35.68 18.13
N PHE B 107 -0.69 34.78 17.16
CA PHE B 107 -0.45 33.37 17.48
C PHE B 107 0.87 33.17 18.21
N ALA B 108 1.94 33.87 17.80
CA ALA B 108 3.19 33.80 18.55
C ALA B 108 2.99 34.17 20.02
N HIS B 109 2.10 35.14 20.29
CA HIS B 109 1.81 35.50 21.67
C HIS B 109 1.07 34.37 22.38
N ARG B 110 0.01 33.89 21.76
CA ARG B 110 -0.77 32.82 22.39
C ARG B 110 0.02 31.51 22.47
N ALA B 111 0.96 31.30 21.54
CA ALA B 111 1.84 30.12 21.67
C ALA B 111 2.76 30.24 22.87
N THR B 112 3.30 31.44 23.13
CA THR B 112 4.18 31.64 24.28
C THR B 112 3.45 31.31 25.57
N LEU B 113 2.21 31.80 25.70
CA LEU B 113 1.39 31.50 26.88
C LEU B 113 1.11 30.02 26.99
N ALA B 114 0.75 29.37 25.86
CA ALA B 114 0.55 27.93 25.86
C ALA B 114 1.75 27.21 26.45
N HIS B 115 2.95 27.56 25.98
CA HIS B 115 4.16 26.90 26.46
C HIS B 115 4.38 27.17 27.95
N GLN B 116 4.08 28.39 28.40
CA GLN B 116 4.28 28.74 29.79
C GLN B 116 3.43 27.86 30.72
N PHE B 117 2.18 27.56 30.33
CA PHE B 117 1.32 26.73 31.18
C PHE B 117 1.50 25.23 30.93
N THR B 118 1.64 24.81 29.67
CA THR B 118 1.59 23.38 29.34
C THR B 118 2.93 22.75 29.04
N ASN B 119 3.98 23.55 28.79
CA ASN B 119 5.30 23.02 28.43
C ASN B 119 5.25 22.20 27.13
N CYS B 120 4.54 22.73 26.13
CA CYS B 120 4.27 22.00 24.91
C CYS B 120 5.36 22.17 23.84
N ALA B 121 6.27 23.13 24.01
CA ALA B 121 7.26 23.42 22.97
C ALA B 121 8.60 22.74 23.28
N GLU B 123 11.12 23.37 20.67
CA GLU B 123 11.93 24.38 20.02
C GLU B 123 11.03 25.55 19.68
N LEU B 124 11.52 26.76 19.92
CA LEU B 124 10.83 27.98 19.56
C LEU B 124 11.75 28.83 18.70
N PHE B 125 11.18 29.40 17.65
CA PHE B 125 11.94 30.33 16.81
C PHE B 125 10.93 31.35 16.28
N ILE B 126 10.39 32.15 17.20
CA ILE B 126 9.43 33.20 16.85
C ILE B 126 10.09 34.20 15.92
N ASP B 127 11.37 34.51 16.16
CA ASP B 127 12.06 35.50 15.35
C ASP B 127 12.14 35.05 13.89
N GLU B 128 12.47 33.77 13.65
CA GLU B 128 12.45 33.27 12.28
C GLU B 128 11.03 33.22 11.74
N GLY B 129 10.06 32.83 12.57
CA GLY B 129 8.68 32.83 12.14
C GLY B 129 8.22 34.22 11.73
N LEU B 130 8.61 35.25 12.50
CA LEU B 130 8.23 36.62 12.18
C LEU B 130 8.76 37.03 10.82
N LYS B 131 10.02 36.68 10.53
CA LYS B 131 10.58 37.03 9.22
C LYS B 131 9.89 36.28 8.08
N GLN B 132 9.50 35.02 8.31
CA GLN B 132 8.68 34.31 7.33
C GLN B 132 7.39 35.07 7.05
N ALA B 133 6.77 35.58 8.10
CA ALA B 133 5.51 36.31 7.93
C ALA B 133 5.72 37.60 7.15
N GLU B 134 6.89 38.23 7.32
CA GLU B 134 7.20 39.42 6.52
C GLU B 134 7.33 39.05 5.04
N GLU B 135 8.01 37.94 4.73
CA GLU B 135 8.12 37.52 3.33
C GLU B 135 6.75 37.23 2.72
N ARG B 136 5.80 36.70 3.50
CA ARG B 136 4.44 36.54 2.98
C ARG B 136 3.82 37.88 2.64
N ASP B 137 3.91 38.85 3.55
CA ASP B 137 3.34 40.17 3.29
C ASP B 137 4.03 40.85 2.12
N ASN B 138 5.36 40.75 2.05
CA ASN B 138 6.09 41.29 0.89
C ASN B 138 5.60 40.69 -0.41
N TYR B 139 5.47 39.36 -0.45
CA TYR B 139 5.02 38.70 -1.66
C TYR B 139 3.62 39.19 -2.05
N PHE B 140 2.76 39.39 -1.07
CA PHE B 140 1.39 39.83 -1.35
C PHE B 140 1.37 41.25 -1.95
N LYS B 141 2.23 42.14 -1.47
CA LYS B 141 2.29 43.48 -2.05
C LYS B 141 2.88 43.43 -3.46
N GLU B 142 4.02 42.76 -3.61
CA GLU B 142 4.71 42.69 -4.89
C GLU B 142 3.83 42.14 -6.01
N HIS B 143 2.97 41.18 -5.69
CA HIS B 143 2.30 40.41 -6.73
C HIS B 143 0.78 40.48 -6.66
N GLY B 144 0.21 40.97 -5.59
CA GLY B 144 -1.23 41.10 -5.51
C GLY B 144 -1.98 39.80 -5.22
N LYS B 145 -1.28 38.69 -5.04
CA LYS B 145 -1.91 37.41 -4.73
C LYS B 145 -1.06 36.66 -3.71
N THR B 146 -1.64 35.60 -3.15
CA THR B 146 -0.97 34.79 -2.13
C THR B 146 -0.15 33.66 -2.77
N VAL B 147 0.81 33.14 -2.01
CA VAL B 147 1.70 32.10 -2.53
C VAL B 147 0.98 30.76 -2.62
N GLY B 148 -0.10 30.57 -1.85
CA GLY B 148 -0.89 29.36 -1.90
C GLY B 148 -2.00 29.34 -0.86
N PRO B 149 -2.78 28.25 -0.80
CA PRO B 149 -3.98 28.23 0.07
C PRO B 149 -3.69 28.34 1.57
N LEU B 150 -2.44 28.23 2.01
CA LEU B 150 -2.13 28.39 3.43
C LEU B 150 -1.28 29.61 3.70
N HIS B 151 -1.28 30.58 2.78
CA HIS B 151 -0.49 31.81 2.89
C HIS B 151 -0.71 32.48 4.24
N GLY B 152 0.39 32.65 4.99
CA GLY B 152 0.39 33.33 6.26
C GLY B 152 -0.23 32.60 7.43
N ILE B 153 -0.52 31.31 7.32
CA ILE B 153 -1.22 30.56 8.36
C ILE B 153 -0.19 29.92 9.28
N PRO B 154 -0.19 30.24 10.59
CA PRO B 154 0.82 29.69 11.51
C PRO B 154 0.47 28.26 11.87
N ILE B 155 1.44 27.36 11.71
CA ILE B 155 1.21 25.93 11.84
C ILE B 155 2.26 25.33 12.76
N SER B 156 1.83 24.55 13.74
CA SER B 156 2.78 23.87 14.61
C SER B 156 3.17 22.51 14.04
N LEU B 157 4.42 22.12 14.29
CA LEU B 157 5.01 20.91 13.73
C LEU B 157 5.52 20.02 14.85
N LYS B 158 5.16 18.74 14.80
CA LYS B 158 5.78 17.77 15.69
C LYS B 158 7.28 17.72 15.45
N GLU B 159 8.04 17.68 16.56
CA GLU B 159 9.50 17.81 16.49
C GLU B 159 10.15 16.76 15.59
N GLN B 160 9.65 15.50 15.63
CA GLN B 160 10.35 14.39 14.98
C GLN B 160 10.46 14.54 13.46
N ASN B 162 11.67 16.11 9.99
CA ASN B 162 12.88 16.84 9.63
C ASN B 162 12.56 18.32 9.40
N TYR B 163 13.40 19.18 9.97
CA TYR B 163 13.33 20.62 9.74
C TYR B 163 14.72 21.09 9.36
N LYS B 164 14.82 21.74 8.19
CA LYS B 164 16.12 22.07 7.61
C LYS B 164 17.02 22.86 8.58
N ASP B 165 18.23 22.34 8.77
CA ASP B 165 19.29 23.00 9.54
C ASP B 165 18.92 23.15 11.02
N LYS B 166 18.07 22.26 11.52
CA LYS B 166 17.72 22.26 12.93
C LYS B 166 17.78 20.85 13.49
N ILE B 167 18.16 20.75 14.76
CA ILE B 167 18.18 19.46 15.44
C ILE B 167 16.86 18.77 15.24
N THR B 168 16.92 17.47 14.90
CA THR B 168 15.76 16.61 14.78
C THR B 168 16.12 15.31 15.49
N HIS B 169 15.60 15.12 16.69
CA HIS B 169 16.03 14.01 17.52
C HIS B 169 14.93 12.99 17.81
N GLY B 170 13.69 13.29 17.44
CA GLY B 170 12.60 12.36 17.65
C GLY B 170 12.40 11.91 19.08
N GLY B 171 12.94 12.66 20.05
CA GLY B 171 12.89 12.25 21.45
C GLY B 171 14.04 11.39 21.92
N TYR B 172 15.00 11.06 21.03
CA TYR B 172 16.18 10.30 21.42
C TYR B 172 17.34 11.26 21.66
N VAL B 173 17.85 11.29 22.90
CA VAL B 173 19.02 12.10 23.22
C VAL B 173 20.16 11.82 22.24
N SER B 174 20.35 10.55 21.88
CA SER B 174 21.43 10.18 20.96
C SER B 174 21.32 10.86 19.60
N LYS B 175 20.13 11.36 19.24
CA LYS B 175 20.00 12.08 17.97
C LYS B 175 20.00 13.59 18.15
N ILE B 176 20.38 14.10 19.34
CA ILE B 176 20.56 15.54 19.51
C ILE B 176 21.67 16.06 18.61
N VAL B 177 22.43 15.15 17.98
CA VAL B 177 23.46 15.51 17.01
C VAL B 177 22.95 15.47 15.56
N ASN B 178 21.71 15.04 15.32
CA ASN B 178 21.21 14.88 13.97
C ASN B 178 20.64 16.21 13.48
N ILE B 179 21.25 16.76 12.42
CA ILE B 179 20.79 18.03 11.85
C ILE B 179 20.54 17.83 10.37
N PRO B 180 19.30 17.67 9.92
CA PRO B 180 19.05 17.44 8.49
C PRO B 180 19.29 18.70 7.67
N ASN B 181 19.59 18.47 6.38
CA ASN B 181 19.88 19.57 5.47
C ASN B 181 18.66 20.04 4.69
N SER B 182 17.48 19.49 4.98
CA SER B 182 16.27 19.88 4.28
C SER B 182 15.07 19.47 5.11
N HIS B 183 13.94 20.11 4.80
CA HIS B 183 12.68 19.78 5.45
C HIS B 183 12.25 18.35 5.08
N GLY B 184 11.55 17.70 6.00
CA GLY B 184 10.78 16.52 5.62
C GLY B 184 9.80 16.85 4.50
N VAL B 185 9.24 15.79 3.91
CA VAL B 185 8.37 15.99 2.73
C VAL B 185 7.13 16.81 3.11
N THR B 186 6.43 16.46 4.20
CA THR B 186 5.21 17.20 4.47
C THR B 186 5.48 18.65 4.86
N THR B 187 6.50 18.90 5.69
CA THR B 187 6.72 20.29 6.07
C THR B 187 7.22 21.11 4.89
N SER B 188 7.93 20.47 3.95
CA SER B 188 8.32 21.16 2.73
C SER B 188 7.13 21.49 1.84
N ILE B 189 6.12 20.62 1.83
CA ILE B 189 4.90 20.91 1.06
C ILE B 189 4.11 22.05 1.71
N LEU B 190 3.97 22.03 3.04
CA LEU B 190 3.25 23.10 3.72
C LEU B 190 3.93 24.46 3.52
N GLU B 191 5.27 24.48 3.56
CA GLU B 191 5.99 25.72 3.25
C GLU B 191 5.58 26.26 1.89
N LYS B 192 5.58 25.40 0.86
CA LYS B 192 5.24 25.86 -0.48
C LYS B 192 3.80 26.32 -0.58
N LEU B 193 2.90 25.75 0.22
CA LEU B 193 1.52 26.20 0.26
C LEU B 193 1.32 27.53 1.00
N GLY B 194 2.37 28.04 1.63
CA GLY B 194 2.34 29.34 2.23
C GLY B 194 2.40 29.39 3.73
N ALA B 195 2.56 28.25 4.41
CA ALA B 195 2.48 28.24 5.85
C ALA B 195 3.70 28.88 6.47
N VAL B 196 3.56 29.21 7.75
CA VAL B 196 4.54 29.90 8.54
C VAL B 196 4.84 29.03 9.75
N PHE B 197 6.13 28.83 10.05
CA PHE B 197 6.57 27.93 11.12
C PHE B 197 7.27 28.72 12.23
N TYR B 198 7.11 28.28 13.48
CA TYR B 198 7.67 29.01 14.61
C TYR B 198 7.86 28.14 15.85
N VAL B 199 7.28 26.95 15.89
CA VAL B 199 7.36 26.12 17.08
C VAL B 199 7.36 24.65 16.68
N ARG B 200 8.19 23.85 17.35
CA ARG B 200 8.16 22.40 17.21
C ARG B 200 7.82 21.79 18.56
N THR B 201 6.86 20.89 18.57
CA THR B 201 6.18 20.48 19.79
C THR B 201 6.74 19.18 20.33
N SER B 202 6.46 18.95 21.61
CA SER B 202 7.08 17.88 22.35
C SER B 202 6.44 16.53 22.05
N GLN B 203 7.16 15.48 22.45
CA GLN B 203 6.80 14.10 22.20
C GLN B 203 7.51 13.23 23.24
N PRO B 204 7.02 12.02 23.50
CA PRO B 204 7.68 11.16 24.49
C PRO B 204 8.89 10.45 23.92
N GLN B 205 9.80 10.11 24.83
CA GLN B 205 10.85 9.13 24.59
C GLN B 205 10.26 7.87 23.98
N THR B 206 10.81 7.46 22.82
CA THR B 206 10.50 6.35 21.93
C THR B 206 9.30 6.63 21.02
N LEU B 207 8.62 7.76 21.18
CA LEU B 207 7.43 8.09 20.38
C LEU B 207 6.31 7.07 20.57
N HIS B 209 4.27 6.46 23.57
CA HIS B 209 3.39 6.67 24.72
C HIS B 209 2.15 7.39 24.25
N LEU B 210 1.03 7.14 24.91
CA LEU B 210 -0.07 8.10 24.81
C LEU B 210 0.09 9.23 25.86
N ASP B 211 1.32 9.71 26.00
CA ASP B 211 1.76 10.66 27.01
C ASP B 211 3.06 11.28 26.50
N SER B 212 3.73 12.10 27.34
CA SER B 212 4.79 12.98 26.84
C SER B 212 6.17 12.80 27.47
N ALA B 213 6.35 11.94 28.47
CA ALA B 213 7.59 11.94 29.26
C ALA B 213 8.83 11.78 28.39
N ASN B 214 9.82 12.65 28.60
CA ASN B 214 11.05 12.60 27.83
C ASN B 214 12.15 13.36 28.59
N ASN B 215 13.40 13.05 28.25
CA ASN B 215 14.53 13.56 29.01
C ASN B 215 14.98 14.95 28.57
N PHE B 216 14.33 15.54 27.57
CA PHE B 216 14.65 16.91 27.19
C PHE B 216 13.89 17.91 28.06
N THR B 217 12.56 17.81 28.07
CA THR B 217 11.74 18.83 28.68
C THR B 217 10.77 18.31 29.74
N GLY B 218 10.75 17.02 30.03
CA GLY B 218 9.89 16.50 31.09
C GLY B 218 8.52 16.14 30.57
N LEU B 219 7.48 16.67 31.22
CA LEU B 219 6.09 16.36 30.92
C LEU B 219 5.35 17.55 30.30
N THR B 220 4.45 17.25 29.35
CA THR B 220 3.53 18.22 28.78
C THR B 220 2.13 18.00 29.35
N LYS B 221 1.45 19.09 29.73
CA LYS B 221 0.20 19.00 30.48
C LYS B 221 -0.98 19.49 29.65
N ASN B 222 -2.17 19.04 30.10
CA ASN B 222 -3.45 19.35 29.43
C ASN B 222 -3.86 20.81 29.67
N PRO B 223 -4.16 21.57 28.61
CA PRO B 223 -4.50 22.99 28.80
C PRO B 223 -5.83 23.22 29.51
N PHE B 224 -6.71 22.21 29.59
CA PHE B 224 -7.99 22.33 30.28
C PHE B 224 -7.94 21.84 31.72
N ASN B 225 -6.82 21.28 32.15
CA ASN B 225 -6.62 20.75 33.51
C ASN B 225 -5.16 20.36 33.62
N LEU B 226 -4.34 21.20 34.25
CA LEU B 226 -2.91 21.01 34.19
C LEU B 226 -2.44 19.80 34.98
N LEU B 227 -3.33 19.14 35.74
CA LEU B 227 -2.91 17.89 36.37
C LEU B 227 -2.75 16.78 35.32
N LEU B 228 -3.54 16.83 34.26
CA LEU B 228 -3.69 15.72 33.32
C LEU B 228 -2.70 15.82 32.17
N SER B 229 -2.39 14.66 31.60
CA SER B 229 -1.59 14.60 30.40
C SER B 229 -2.32 15.30 29.25
N SER B 230 -1.54 15.84 28.33
CA SER B 230 -2.09 16.25 27.03
C SER B 230 -2.13 15.11 26.03
N GLY B 231 -1.65 13.93 26.39
CA GLY B 231 -1.60 12.81 25.46
C GLY B 231 -0.27 12.65 24.76
N GLY B 232 -0.30 11.89 23.66
CA GLY B 232 0.92 11.59 22.91
C GLY B 232 0.64 10.56 21.84
N SER B 233 1.67 10.26 21.04
CA SER B 233 2.97 10.92 21.08
C SER B 233 3.04 12.33 20.43
N SER B 234 1.94 12.83 19.85
CA SER B 234 1.87 14.22 19.40
C SER B 234 1.50 15.15 20.57
N SER B 235 2.31 15.07 21.61
CA SER B 235 1.94 15.63 22.91
C SER B 235 1.78 17.15 22.87
N GLY B 236 2.77 17.84 22.32
CA GLY B 236 2.72 19.29 22.30
C GLY B 236 1.69 19.82 21.33
N GLU B 237 1.38 19.06 20.27
CA GLU B 237 0.36 19.47 19.32
C GLU B 237 -1.02 19.51 19.97
N GLY B 238 -1.37 18.45 20.72
CA GLY B 238 -2.63 18.46 21.44
C GLY B 238 -2.75 19.66 22.36
N ALA B 239 -1.70 19.91 23.14
CA ALA B 239 -1.74 21.01 24.10
C ALA B 239 -1.82 22.36 23.39
N ILE B 240 -0.98 22.57 22.37
CA ILE B 240 -0.90 23.90 21.77
C ILE B 240 -2.12 24.17 20.89
N VAL B 241 -2.65 23.16 20.20
CA VAL B 241 -3.85 23.39 19.38
C VAL B 241 -5.08 23.52 20.26
N GLY B 242 -5.16 22.72 21.32
CA GLY B 242 -6.28 22.83 22.25
C GLY B 242 -6.33 24.19 22.91
N TYR B 243 -5.17 24.76 23.21
CA TYR B 243 -5.06 26.08 23.81
C TYR B 243 -5.20 27.19 22.77
N GLY B 244 -5.08 26.87 21.48
CA GLY B 244 -5.16 27.87 20.43
C GLY B 244 -3.88 28.56 20.05
N GLY B 245 -2.72 28.02 20.43
CA GLY B 245 -1.42 28.63 20.11
C GLY B 245 -0.99 28.45 18.66
N SER B 246 -1.75 27.71 17.87
CA SER B 246 -1.49 27.58 16.44
C SER B 246 -2.83 27.40 15.75
N ALA B 247 -2.87 27.78 14.46
CA ALA B 247 -4.09 27.61 13.71
C ALA B 247 -4.33 26.15 13.37
N ILE B 248 -3.27 25.43 12.97
CA ILE B 248 -3.34 24.02 12.64
C ILE B 248 -2.07 23.36 13.16
N GLY B 249 -2.19 22.12 13.62
CA GLY B 249 -1.04 21.32 13.99
C GLY B 249 -0.86 20.08 13.12
N VAL B 250 0.37 19.54 13.06
CA VAL B 250 0.68 18.38 12.26
C VAL B 250 1.31 17.32 13.17
N GLY B 251 0.66 16.15 13.26
CA GLY B 251 1.19 15.04 14.04
C GLY B 251 1.36 13.74 13.26
N SER B 252 1.71 12.67 13.97
CA SER B 252 1.79 11.34 13.36
C SER B 252 1.02 10.37 14.25
N ASP B 253 0.60 9.24 13.67
CA ASP B 253 -0.31 8.34 14.38
C ASP B 253 0.00 6.90 13.97
N ILE B 254 0.71 6.23 14.84
CA ILE B 254 0.65 4.80 15.05
C ILE B 254 0.04 4.66 16.44
N GLY B 255 -0.79 3.66 16.63
CA GLY B 255 -1.30 3.45 17.98
C GLY B 255 -2.30 4.44 18.57
N GLY B 256 -2.37 5.66 18.04
CA GLY B 256 -3.28 6.65 18.60
C GLY B 256 -2.75 8.07 18.68
N SER B 257 -1.54 8.31 18.16
CA SER B 257 -0.78 9.50 18.58
C SER B 257 -1.28 10.80 17.95
N ILE B 258 -2.26 10.77 17.06
CA ILE B 258 -2.99 11.98 16.63
C ILE B 258 -4.32 12.08 17.35
N ARG B 259 -5.09 10.99 17.33
CA ARG B 259 -6.44 10.98 17.88
C ARG B 259 -6.46 11.15 19.40
N ALA B 260 -5.58 10.45 20.12
CA ALA B 260 -5.57 10.60 21.57
C ALA B 260 -5.24 12.02 22.03
N PRO B 261 -4.17 12.68 21.55
CA PRO B 261 -3.92 14.04 22.04
C PRO B 261 -5.05 15.00 21.70
N ALA B 262 -5.66 14.85 20.51
CA ALA B 262 -6.81 15.70 20.16
C ALA B 262 -7.96 15.48 21.13
N ALA B 263 -8.32 14.22 21.36
CA ALA B 263 -9.45 13.91 22.24
C ALA B 263 -9.18 14.37 23.67
N TYR B 264 -7.93 14.25 24.14
CA TYR B 264 -7.62 14.56 25.53
C TYR B 264 -7.62 16.06 25.77
N SER B 265 -7.10 16.83 24.82
CA SER B 265 -6.71 18.23 25.04
C SER B 265 -7.70 19.22 24.46
N GLY B 266 -8.88 18.78 24.04
CA GLY B 266 -9.92 19.69 23.60
C GLY B 266 -9.90 20.16 22.15
N CYS B 267 -9.44 19.34 21.21
CA CYS B 267 -9.49 19.73 19.80
C CYS B 267 -9.83 18.52 18.93
N HIS B 268 -9.82 18.72 17.61
CA HIS B 268 -10.11 17.68 16.62
C HIS B 268 -8.85 17.27 15.88
N GLY B 269 -8.78 15.98 15.54
CA GLY B 269 -7.66 15.48 14.73
C GLY B 269 -8.12 14.36 13.81
N LEU B 270 -7.43 14.23 12.68
CA LEU B 270 -7.75 13.20 11.71
C LEU B 270 -6.56 12.27 11.51
N ARG B 271 -6.77 10.97 11.78
CA ARG B 271 -5.88 9.91 11.32
C ARG B 271 -6.33 9.48 9.92
N PRO B 272 -5.63 9.87 8.87
CA PRO B 272 -6.04 9.49 7.52
C PRO B 272 -5.69 8.03 7.22
N THR B 273 -6.25 7.51 6.14
CA THR B 273 -5.80 6.23 5.61
C THR B 273 -4.34 6.35 5.19
N THR B 274 -3.57 5.27 5.40
CA THR B 274 -2.14 5.28 5.06
C THR B 274 -1.92 5.68 3.60
N LYS B 275 -0.76 6.27 3.33
CA LYS B 275 -0.19 6.54 2.01
C LYS B 275 -0.85 7.72 1.31
N ARG B 276 -1.67 8.50 1.99
CA ARG B 276 -2.12 9.75 1.41
C ARG B 276 -1.18 10.90 1.77
N ILE B 277 -0.82 11.03 3.06
CA ILE B 277 0.10 12.06 3.51
C ILE B 277 1.45 11.41 3.76
N SER B 278 2.52 12.04 3.27
CA SER B 278 3.85 11.47 3.38
C SER B 278 4.35 11.45 4.83
N VAL B 279 5.16 10.46 5.15
CA VAL B 279 5.87 10.43 6.41
C VAL B 279 7.37 10.52 6.19
N LYS B 280 7.79 10.71 4.94
CA LYS B 280 9.20 10.67 4.57
C LYS B 280 9.96 11.87 5.13
N GLY B 281 11.10 11.60 5.76
CA GLY B 281 11.94 12.64 6.29
C GLY B 281 11.64 12.97 7.75
N GLY B 282 12.00 12.06 8.64
CA GLY B 282 11.83 12.27 10.07
C GLY B 282 12.62 11.23 10.83
N VAL B 283 12.61 11.36 12.15
CA VAL B 283 13.34 10.46 13.05
C VAL B 283 12.34 9.61 13.82
N SER B 284 12.51 8.28 13.73
CA SER B 284 11.77 7.34 14.56
C SER B 284 12.48 5.99 14.48
N SER B 285 11.97 5.02 15.23
CA SER B 285 12.50 3.67 15.10
C SER B 285 11.79 2.86 14.01
N GLY B 286 11.02 3.51 13.12
CA GLY B 286 10.16 2.77 12.21
C GLY B 286 10.64 2.58 10.79
N ALA B 287 11.95 2.71 10.54
CA ALA B 287 12.44 2.59 9.17
C ALA B 287 12.17 1.19 8.65
N GLY B 288 11.47 1.10 7.51
CA GLY B 288 11.17 -0.18 6.89
C GLY B 288 10.01 -0.95 7.48
N GLN B 289 9.40 -0.45 8.55
CA GLN B 289 8.27 -1.15 9.17
C GLN B 289 7.00 -0.87 8.36
N GLU B 290 6.37 -1.93 7.88
CA GLU B 290 5.23 -1.85 6.97
C GLU B 290 3.98 -2.58 7.45
N SER B 291 4.08 -3.43 8.47
CA SER B 291 2.91 -4.21 8.91
C SER B 291 1.78 -3.30 9.37
N VAL B 292 2.09 -2.33 10.25
CA VAL B 292 1.20 -1.24 10.71
C VAL B 292 1.87 0.07 10.33
N PRO B 293 1.63 0.60 9.15
CA PRO B 293 2.34 1.82 8.75
C PRO B 293 1.83 3.00 9.57
N ALA B 294 2.78 3.81 10.02
CA ALA B 294 2.49 5.10 10.62
C ALA B 294 1.90 6.06 9.59
N VAL B 295 1.19 7.05 10.10
CA VAL B 295 0.43 8.00 9.32
C VAL B 295 0.67 9.40 9.88
N ALA B 296 0.70 10.41 9.02
CA ALA B 296 0.69 11.79 9.49
C ALA B 296 -0.66 12.42 9.19
N GLY B 297 -1.00 13.44 9.97
CA GLY B 297 -2.25 14.13 9.75
C GLY B 297 -2.42 15.42 10.53
N PRO B 298 -3.51 16.14 10.26
CA PRO B 298 -3.72 17.45 10.88
C PRO B 298 -4.56 17.40 12.14
N ALA B 300 -6.79 20.45 14.62
CA ALA B 300 -7.27 21.82 14.56
C ALA B 300 -8.45 21.98 15.50
N ARG B 301 -8.96 23.22 15.61
CA ARG B 301 -10.14 23.51 16.42
C ARG B 301 -11.40 23.65 15.59
N SER B 302 -11.39 23.19 14.34
CA SER B 302 -12.60 23.09 13.55
C SER B 302 -12.36 22.08 12.46
N ILE B 303 -13.43 21.40 12.06
CA ILE B 303 -13.28 20.33 11.07
C ILE B 303 -13.03 20.91 9.69
N ASP B 304 -13.57 22.10 9.41
CA ASP B 304 -13.29 22.79 8.16
C ASP B 304 -11.78 22.96 7.95
N ASP B 305 -11.03 23.19 9.04
CA ASP B 305 -9.59 23.36 8.91
C ASP B 305 -8.89 22.06 8.55
N LEU B 306 -9.33 20.92 9.10
CA LEU B 306 -8.79 19.62 8.68
C LEU B 306 -9.06 19.41 7.19
N GLU B 307 -10.29 19.70 6.76
CA GLU B 307 -10.64 19.63 5.35
C GLU B 307 -9.72 20.49 4.51
N LEU B 308 -9.55 21.76 4.91
CA LEU B 308 -8.66 22.65 4.16
C LEU B 308 -7.26 22.07 4.05
N TRP B 309 -6.75 21.50 5.14
CA TRP B 309 -5.37 21.02 5.17
C TRP B 309 -5.19 19.85 4.21
N LYS B 311 -7.20 18.87 1.57
CA LYS B 311 -7.42 19.28 0.18
C LYS B 311 -6.19 19.99 -0.38
N ALA B 312 -5.63 20.93 0.38
CA ALA B 312 -4.46 21.67 -0.08
C ALA B 312 -3.25 20.75 -0.21
N TYR B 313 -2.96 19.99 0.84
CA TYR B 313 -1.82 19.09 0.84
C TYR B 313 -1.84 18.17 -0.38
N ILE B 314 -2.98 17.51 -0.65
CA ILE B 314 -3.02 16.48 -1.67
C ILE B 314 -3.11 17.09 -3.07
N ASN B 315 -4.16 17.89 -3.32
CA ASN B 315 -4.44 18.35 -4.69
C ASN B 315 -3.48 19.43 -5.16
N GLU B 316 -2.95 20.24 -4.25
CA GLU B 316 -1.96 21.24 -4.62
C GLU B 316 -0.55 20.84 -4.26
N GLY B 317 -0.35 20.19 -3.11
CA GLY B 317 1.00 19.74 -2.76
C GLY B 317 1.50 18.59 -3.59
N LYS B 318 0.61 17.70 -4.05
CA LYS B 318 0.93 16.51 -4.84
C LYS B 318 2.10 15.74 -4.22
N PRO B 319 1.90 15.08 -3.08
CA PRO B 319 3.04 14.39 -2.42
C PRO B 319 3.71 13.33 -3.29
N TRP B 320 2.99 12.70 -4.21
CA TRP B 320 3.57 11.63 -5.02
C TRP B 320 4.70 12.12 -5.93
N GLU B 321 4.86 13.42 -6.11
CA GLU B 321 5.93 13.90 -6.97
C GLU B 321 7.29 13.89 -6.26
N SER B 322 7.31 13.96 -4.94
CA SER B 322 8.57 13.83 -4.20
C SER B 322 8.63 12.60 -3.28
N ASP B 323 7.52 11.88 -3.09
CA ASP B 323 7.50 10.70 -2.24
C ASP B 323 6.74 9.61 -3.00
N SER B 324 7.49 8.69 -3.60
CA SER B 324 6.93 7.61 -4.40
C SER B 324 5.95 6.73 -3.61
N THR B 325 5.99 6.76 -2.28
CA THR B 325 5.05 5.99 -1.46
C THR B 325 3.65 6.62 -1.45
N SER B 326 3.55 7.95 -1.55
CA SER B 326 2.25 8.60 -1.46
C SER B 326 1.42 8.35 -2.73
N LEU B 327 0.12 8.08 -2.52
CA LEU B 327 -0.75 7.75 -3.63
C LEU B 327 -1.19 9.00 -4.37
N PRO B 328 -1.17 8.99 -5.73
CA PRO B 328 -1.81 10.09 -6.48
C PRO B 328 -3.33 9.92 -6.49
N PRO B 330 -6.83 11.72 -5.76
CA PRO B 330 -7.37 13.07 -5.59
C PRO B 330 -8.18 13.19 -4.30
N TRP B 331 -8.05 14.34 -3.64
CA TRP B 331 -8.92 14.64 -2.51
C TRP B 331 -10.27 15.08 -3.10
N ARG B 332 -11.31 14.29 -2.87
CA ARG B 332 -12.57 14.45 -3.57
C ARG B 332 -13.45 15.48 -2.88
N ASP B 333 -14.29 16.14 -3.68
CA ASP B 333 -15.24 17.11 -3.15
C ASP B 333 -16.54 16.38 -2.81
N VAL B 334 -16.86 16.33 -1.53
CA VAL B 334 -18.04 15.63 -1.03
C VAL B 334 -18.88 16.62 -0.25
N SER B 335 -20.19 16.56 -0.43
CA SER B 335 -21.09 17.46 0.28
C SER B 335 -21.32 16.96 1.71
N THR B 336 -21.70 17.89 2.57
CA THR B 336 -22.05 17.55 3.95
C THR B 336 -23.35 16.75 3.96
N PRO B 337 -23.40 15.60 4.62
CA PRO B 337 -24.64 14.81 4.64
C PRO B 337 -25.66 15.36 5.63
N LYS B 338 -26.90 14.91 5.45
CA LYS B 338 -27.93 15.09 6.45
C LYS B 338 -27.87 13.93 7.44
N ILE B 339 -28.01 14.24 8.73
CA ILE B 339 -27.85 13.22 9.76
C ILE B 339 -28.82 12.07 9.54
N GLY B 340 -30.04 12.39 9.09
CA GLY B 340 -31.03 11.36 8.84
C GLY B 340 -30.64 10.36 7.77
N ASP B 341 -29.68 10.71 6.91
CA ASP B 341 -29.22 9.81 5.86
C ASP B 341 -28.11 8.87 6.32
N LEU B 342 -27.67 8.96 7.57
CA LEU B 342 -26.52 8.21 8.02
C LEU B 342 -26.94 6.93 8.74
N THR B 343 -26.15 5.88 8.55
CA THR B 343 -26.21 4.70 9.40
C THR B 343 -24.88 4.62 10.14
N VAL B 344 -24.97 4.53 11.46
CA VAL B 344 -23.82 4.64 12.36
C VAL B 344 -23.85 3.45 13.30
N ALA B 345 -22.75 2.70 13.35
CA ALA B 345 -22.58 1.61 14.29
C ALA B 345 -21.86 2.13 15.53
N ILE B 346 -22.33 1.71 16.70
CA ILE B 346 -21.88 2.27 17.98
C ILE B 346 -21.12 1.20 18.75
N ILE B 347 -19.88 1.50 19.09
CA ILE B 347 -19.09 0.69 20.03
C ILE B 347 -19.17 1.37 21.39
N ARG B 348 -19.86 0.73 22.34
CA ARG B 348 -19.90 1.21 23.72
C ARG B 348 -18.86 0.54 24.59
N ASP B 349 -18.39 -0.63 24.19
CA ASP B 349 -17.37 -1.40 24.89
C ASP B 349 -16.65 -2.22 23.83
N ASP B 350 -15.33 -2.14 23.78
CA ASP B 350 -14.60 -2.88 22.77
C ASP B 350 -14.36 -4.32 23.16
N GLY B 351 -14.95 -4.77 24.27
CA GLY B 351 -14.77 -6.12 24.77
C GLY B 351 -13.54 -6.33 25.63
N LEU B 352 -12.74 -5.29 25.85
CA LEU B 352 -11.47 -5.49 26.54
C LEU B 352 -11.35 -4.62 27.79
N VAL B 353 -11.65 -3.32 27.70
CA VAL B 353 -11.50 -2.39 28.81
C VAL B 353 -12.75 -1.52 28.88
N ARG B 354 -13.55 -1.73 29.92
CA ARG B 354 -14.71 -0.89 30.18
C ARG B 354 -14.30 0.58 30.31
N VAL B 355 -15.11 1.47 29.73
CA VAL B 355 -14.82 2.90 29.76
C VAL B 355 -15.40 3.52 31.02
N SER B 356 -14.84 4.66 31.40
CA SER B 356 -15.18 5.30 32.67
C SER B 356 -16.46 6.11 32.53
N PRO B 357 -17.07 6.49 33.67
CA PRO B 357 -18.37 7.20 33.66
C PRO B 357 -18.45 8.38 32.69
N PRO B 358 -17.45 9.27 32.60
CA PRO B 358 -17.61 10.39 31.65
C PRO B 358 -17.66 9.97 30.19
N ILE B 359 -16.82 9.02 29.78
CA ILE B 359 -16.88 8.53 28.40
C ILE B 359 -18.22 7.87 28.12
N ARG B 360 -18.67 7.00 29.03
CA ARG B 360 -19.96 6.34 28.82
C ARG B 360 -21.10 7.35 28.70
N ARG B 361 -21.10 8.40 29.53
CA ARG B 361 -22.17 9.37 29.46
C ARG B 361 -22.09 10.17 28.16
N ALA B 362 -20.89 10.57 27.75
CA ALA B 362 -20.79 11.41 26.56
C ALA B 362 -21.17 10.61 25.31
N LEU B 363 -20.73 9.35 25.23
CA LEU B 363 -21.14 8.53 24.09
C LEU B 363 -22.65 8.41 24.03
N ASN B 364 -23.28 8.13 25.17
CA ASN B 364 -24.73 7.94 25.18
C ASN B 364 -25.47 9.21 24.77
N THR B 365 -24.99 10.39 25.20
CA THR B 365 -25.63 11.64 24.82
C THR B 365 -25.55 11.86 23.32
N VAL B 366 -24.39 11.60 22.73
CA VAL B 366 -24.24 11.78 21.29
C VAL B 366 -25.16 10.83 20.51
N VAL B 367 -25.25 9.58 20.98
CA VAL B 367 -26.12 8.59 20.32
C VAL B 367 -27.56 9.09 20.33
N GLU B 368 -28.03 9.57 21.49
CA GLU B 368 -29.39 10.08 21.60
C GLU B 368 -29.61 11.32 20.75
N LYS B 369 -28.58 12.16 20.58
CA LYS B 369 -28.69 13.27 19.64
C LYS B 369 -28.83 12.79 18.20
N LEU B 370 -28.06 11.75 17.81
CA LEU B 370 -28.09 11.28 16.43
C LEU B 370 -29.41 10.58 16.13
N LYS B 371 -29.89 9.77 17.08
CA LYS B 371 -31.20 9.14 16.91
C LYS B 371 -32.28 10.20 16.77
N GLY B 372 -32.28 11.18 17.66
CA GLY B 372 -33.23 12.27 17.63
C GLY B 372 -33.22 13.08 16.34
N ALA B 373 -32.16 13.00 15.55
CA ALA B 373 -32.12 13.71 14.27
C ALA B 373 -32.28 12.78 13.08
N GLY B 374 -32.69 11.53 13.31
CA GLY B 374 -33.12 10.66 12.23
C GLY B 374 -32.16 9.56 11.83
N ALA B 375 -30.92 9.57 12.33
CA ALA B 375 -29.94 8.57 11.92
C ALA B 375 -30.37 7.18 12.39
N LYS B 376 -29.96 6.18 11.63
CA LYS B 376 -30.15 4.78 11.99
C LYS B 376 -28.95 4.33 12.83
N ILE B 377 -29.23 3.70 13.96
CA ILE B 377 -28.23 3.36 14.96
C ILE B 377 -28.13 1.85 15.07
N ILE B 378 -26.93 1.32 14.91
CA ILE B 378 -26.68 -0.10 15.08
C ILE B 378 -25.77 -0.28 16.28
N GLU B 379 -26.30 -0.92 17.33
CA GLU B 379 -25.46 -1.32 18.45
C GLU B 379 -24.53 -2.43 17.98
N PHE B 380 -23.24 -2.25 18.23
CA PHE B 380 -22.20 -3.01 17.57
C PHE B 380 -21.29 -3.61 18.62
N ASP B 381 -21.26 -4.94 18.69
CA ASP B 381 -20.24 -5.64 19.44
C ASP B 381 -19.08 -5.96 18.49
N PRO B 382 -17.97 -5.23 18.55
CA PRO B 382 -16.93 -5.39 17.53
C PRO B 382 -16.19 -6.70 17.70
N PRO B 383 -16.06 -7.47 16.62
CA PRO B 383 -15.46 -8.81 16.74
C PRO B 383 -13.95 -8.78 16.80
N ASN B 384 -13.40 -9.82 17.44
CA ASN B 384 -11.97 -10.12 17.37
C ASN B 384 -11.10 -8.98 17.84
N THR B 385 -11.57 -8.18 18.80
CA THR B 385 -10.77 -7.06 19.27
C THR B 385 -9.59 -7.57 20.09
N LYS B 386 -9.75 -8.69 20.80
CA LYS B 386 -8.62 -9.28 21.51
C LYS B 386 -7.52 -9.71 20.55
N LEU B 387 -7.90 -10.36 19.46
CA LEU B 387 -6.94 -10.76 18.44
C LEU B 387 -6.30 -9.52 17.79
N ALA B 388 -7.09 -8.49 17.55
CA ALA B 388 -6.56 -7.30 16.91
C ALA B 388 -5.59 -6.60 17.84
N TYR B 389 -5.89 -6.58 19.14
CA TYR B 389 -5.00 -5.95 20.11
C TYR B 389 -3.67 -6.69 20.17
N GLU B 390 -3.71 -8.01 20.38
CA GLU B 390 -2.46 -8.76 20.50
C GLU B 390 -1.65 -8.70 19.20
N THR B 391 -2.32 -8.75 18.04
CA THR B 391 -1.59 -8.77 16.77
C THR B 391 -0.84 -7.45 16.55
N VAL B 392 -1.49 -6.32 16.77
CA VAL B 392 -0.84 -5.04 16.51
C VAL B 392 0.28 -4.76 17.53
N HIS B 393 0.10 -5.20 18.78
CA HIS B 393 1.15 -4.96 19.75
C HIS B 393 2.34 -5.89 19.52
N LYS B 394 2.10 -7.09 18.98
CA LYS B 394 3.20 -7.91 18.49
C LYS B 394 3.91 -7.24 17.31
N TYR B 396 4.27 -4.10 16.87
CA TYR B 396 5.06 -2.97 17.36
C TYR B 396 6.49 -3.38 17.70
N ASN B 397 6.67 -4.58 18.23
CA ASN B 397 7.95 -4.98 18.80
C ASN B 397 8.58 -6.18 18.09
N CYS B 398 8.09 -6.59 16.91
CA CYS B 398 8.56 -7.87 16.39
C CYS B 398 9.98 -7.82 15.85
N ASP B 399 10.63 -6.65 15.80
CA ASP B 399 12.08 -6.66 15.58
C ASP B 399 12.87 -6.86 16.90
N GLY B 400 12.22 -7.40 17.93
CA GLY B 400 12.90 -7.63 19.19
C GLY B 400 13.37 -6.37 19.87
N ASN B 401 12.76 -5.22 19.54
CA ASN B 401 13.16 -3.90 20.00
C ASN B 401 14.56 -3.49 19.52
N HIS B 402 15.01 -4.06 18.40
CA HIS B 402 16.34 -3.75 17.88
C HIS B 402 16.53 -2.25 17.63
N GLN B 404 14.59 0.47 18.54
CA GLN B 404 14.38 1.25 19.76
C GLN B 404 15.59 1.16 20.69
N ARG B 405 16.12 -0.05 20.89
CA ARG B 405 17.28 -0.22 21.77
C ARG B 405 18.54 0.40 21.18
N LYS B 406 18.72 0.31 19.85
CA LYS B 406 19.86 0.98 19.23
C LYS B 406 19.81 2.48 19.48
N LEU B 407 18.63 3.10 19.30
CA LEU B 407 18.55 4.55 19.42
C LEU B 407 18.66 4.99 20.89
N LEU B 408 18.11 4.22 21.83
CA LEU B 408 18.17 4.57 23.25
C LEU B 408 19.57 4.34 23.83
N SER B 409 20.18 3.19 23.51
CA SER B 409 21.47 2.86 24.09
C SER B 409 22.59 3.71 23.52
N GLY B 410 22.42 4.30 22.34
CA GLY B 410 23.41 5.21 21.82
C GLY B 410 23.76 6.34 22.78
N SER B 411 22.83 6.72 23.66
CA SER B 411 23.08 7.76 24.65
C SER B 411 23.09 7.23 26.07
N ASN B 412 22.53 6.03 26.28
CA ASN B 412 22.35 5.42 27.59
C ASN B 412 21.41 6.22 28.48
N GLU B 413 20.52 7.01 27.87
CA GLU B 413 19.61 7.86 28.62
C GLU B 413 18.72 7.03 29.54
N PRO B 414 18.27 7.60 30.67
CA PRO B 414 17.39 6.85 31.56
C PRO B 414 16.04 6.56 30.92
N LEU B 415 15.52 5.39 31.22
CA LEU B 415 14.25 4.95 30.64
C LEU B 415 13.09 5.50 31.46
N THR B 416 12.19 6.19 30.78
CA THR B 416 10.92 6.62 31.33
C THR B 416 10.06 5.41 31.70
N LYS B 417 9.12 5.63 32.64
CA LYS B 417 8.20 4.58 33.08
C LYS B 417 7.41 3.95 31.92
N LEU B 418 6.75 4.77 31.09
CA LEU B 418 5.91 4.26 30.01
C LEU B 418 6.72 3.81 28.80
N THR B 419 8.02 4.12 28.76
CA THR B 419 8.90 3.49 27.79
C THR B 419 9.14 2.02 28.16
N LYS B 420 9.49 1.77 29.42
CA LYS B 420 9.52 0.41 29.95
C LYS B 420 8.26 -0.34 29.58
N TRP B 421 7.12 0.32 29.72
CA TRP B 421 5.83 -0.29 29.43
C TRP B 421 5.74 -0.75 27.97
N ASN B 422 6.06 0.14 27.02
CA ASN B 422 5.84 -0.19 25.61
C ASN B 422 6.92 -1.12 25.05
N LEU B 423 8.14 -1.09 25.62
CA LEU B 423 9.15 -2.08 25.25
C LEU B 423 8.75 -3.48 25.67
N ASN B 424 7.74 -3.62 26.53
CA ASN B 424 7.25 -4.94 26.93
C ASN B 424 5.95 -5.29 26.23
N TYR B 425 5.59 -4.55 25.18
CA TYR B 425 4.30 -4.69 24.54
C TYR B 425 4.14 -6.03 23.83
N GLY B 426 5.17 -6.53 23.21
CA GLY B 426 4.72 -7.63 22.37
C GLY B 426 5.08 -8.97 22.95
N GLU B 427 6.05 -9.59 22.29
CA GLU B 427 6.98 -10.45 22.97
C GLU B 427 8.27 -9.70 23.24
N GLY B 428 8.18 -8.36 23.27
CA GLY B 428 9.29 -7.51 23.66
C GLY B 428 10.54 -7.77 22.87
N ALA B 429 11.55 -8.34 23.51
CA ALA B 429 12.87 -8.51 22.91
C ALA B 429 12.98 -9.77 22.03
N LYS B 430 11.91 -10.55 21.91
CA LYS B 430 11.91 -11.67 20.98
C LYS B 430 11.96 -11.14 19.55
N HIS B 431 13.03 -11.45 18.84
CA HIS B 431 13.20 -10.99 17.46
C HIS B 431 12.56 -11.99 16.52
N TYR B 432 11.43 -11.64 15.93
CA TYR B 432 10.73 -12.54 15.05
C TYR B 432 11.53 -12.85 13.78
N ASP B 433 11.29 -14.04 13.22
CA ASP B 433 11.75 -14.34 11.87
C ASP B 433 10.70 -13.87 10.87
N VAL B 434 11.07 -13.86 9.58
CA VAL B 434 10.20 -13.29 8.55
C VAL B 434 8.87 -14.04 8.47
N ALA B 435 8.92 -15.38 8.56
CA ALA B 435 7.71 -16.18 8.45
C ALA B 435 6.66 -15.81 9.50
N SER B 436 7.11 -15.54 10.75
CA SER B 436 6.18 -15.12 11.80
C SER B 436 5.58 -13.74 11.52
N ASN B 437 6.40 -12.81 11.01
CA ASN B 437 5.88 -11.48 10.69
C ASN B 437 4.85 -11.56 9.58
N ARG B 438 5.09 -12.44 8.59
CA ARG B 438 4.11 -12.65 7.51
C ARG B 438 2.79 -13.21 8.02
N GLU B 439 2.83 -14.05 9.08
CA GLU B 439 1.58 -14.52 9.68
C GLU B 439 0.80 -13.38 10.32
N LEU B 440 1.50 -12.41 10.92
CA LEU B 440 0.81 -11.24 11.45
C LEU B 440 0.13 -10.47 10.34
N ASN B 441 0.83 -10.31 9.20
CA ASN B 441 0.23 -9.63 8.04
C ASN B 441 -1.03 -10.36 7.59
N VAL B 442 -0.99 -11.69 7.54
CA VAL B 442 -2.18 -12.48 7.19
C VAL B 442 -3.33 -12.17 8.14
N THR B 443 -3.06 -12.21 9.46
CA THR B 443 -4.11 -11.90 10.43
C THR B 443 -4.66 -10.49 10.26
N ARG B 444 -3.77 -9.51 10.06
CA ARG B 444 -4.20 -8.13 9.77
C ARG B 444 -5.20 -8.09 8.60
N ASP B 445 -4.92 -8.83 7.54
CA ASP B 445 -5.78 -8.75 6.36
C ASP B 445 -7.11 -9.47 6.57
N GLN B 446 -7.12 -10.54 7.37
CA GLN B 446 -8.40 -11.16 7.75
C GLN B 446 -9.25 -10.19 8.56
N LEU B 447 -8.63 -9.45 9.48
CA LEU B 447 -9.39 -8.51 10.30
C LEU B 447 -9.95 -7.38 9.44
N ARG B 448 -9.14 -6.85 8.53
CA ARG B 448 -9.61 -5.76 7.67
C ARG B 448 -10.82 -6.18 6.86
N ASP B 449 -10.76 -7.38 6.28
CA ASP B 449 -11.86 -7.89 5.49
C ASP B 449 -13.11 -8.11 6.33
N GLN B 450 -12.93 -8.59 7.56
CA GLN B 450 -14.08 -8.79 8.45
C GLN B 450 -14.80 -7.47 8.74
N TYR B 451 -14.06 -6.41 9.06
CA TYR B 451 -14.71 -5.14 9.36
C TYR B 451 -15.20 -4.45 8.10
N ASN B 452 -14.44 -4.57 7.00
CA ASN B 452 -14.93 -4.07 5.71
C ASN B 452 -16.22 -4.76 5.32
N ASP B 453 -16.28 -6.10 5.51
CA ASP B 453 -17.49 -6.84 5.17
C ASP B 453 -18.66 -6.40 6.02
N PHE B 454 -18.41 -6.16 7.32
CA PHE B 454 -19.46 -5.66 8.20
C PHE B 454 -20.07 -4.38 7.63
N VAL B 456 -19.85 -2.96 4.60
CA VAL B 456 -20.44 -3.08 3.28
C VAL B 456 -21.77 -3.84 3.33
N GLN B 457 -21.79 -5.01 3.98
CA GLN B 457 -22.98 -5.85 3.97
C GLN B 457 -24.16 -5.22 4.72
N ASN B 458 -23.91 -4.37 5.73
CA ASN B 458 -24.97 -3.75 6.51
C ASN B 458 -25.17 -2.29 6.17
N LYS B 459 -24.52 -1.79 5.12
CA LYS B 459 -24.69 -0.41 4.66
C LYS B 459 -24.35 0.59 5.76
N VAL B 460 -23.29 0.31 6.52
CA VAL B 460 -22.87 1.21 7.59
C VAL B 460 -22.00 2.31 7.03
N ASP B 461 -22.30 3.55 7.38
CA ASP B 461 -21.48 4.65 6.91
C ASP B 461 -20.25 4.84 7.78
N PHE B 462 -20.42 4.77 9.11
CA PHE B 462 -19.35 5.07 10.06
C PHE B 462 -19.51 4.24 11.33
N ILE B 463 -18.40 4.13 12.06
CA ILE B 463 -18.37 3.54 13.39
C ILE B 463 -18.05 4.67 14.37
N LEU B 464 -18.83 4.75 15.45
CA LEU B 464 -18.61 5.73 16.52
C LEU B 464 -18.14 5.01 17.77
N SER B 465 -17.10 5.50 18.41
CA SER B 465 -16.53 4.76 19.53
C SER B 465 -15.73 5.70 20.41
N PRO B 466 -15.39 5.28 21.63
CA PRO B 466 -14.47 6.07 22.46
C PRO B 466 -13.11 6.15 21.80
N THR B 467 -12.31 7.13 22.25
CA THR B 467 -10.91 7.21 21.87
C THR B 467 -10.00 6.55 22.89
N TYR B 468 -10.50 6.33 24.10
CA TYR B 468 -9.73 5.84 25.25
C TYR B 468 -10.74 5.46 26.33
N ASN B 469 -10.36 4.55 27.21
CA ASN B 469 -11.28 4.10 28.25
C ASN B 469 -11.46 5.11 29.40
N ASN B 470 -10.88 6.31 29.31
CA ASN B 470 -11.09 7.37 30.29
C ASN B 470 -11.01 8.69 29.53
N VAL B 471 -11.18 9.80 30.24
CA VAL B 471 -10.75 11.09 29.71
C VAL B 471 -9.22 11.13 29.81
N ALA B 472 -8.64 12.31 29.62
CA ALA B 472 -7.19 12.43 29.66
C ALA B 472 -6.63 11.78 30.92
N PRO B 473 -5.54 11.03 30.82
CA PRO B 473 -5.01 10.32 31.99
C PRO B 473 -4.10 11.21 32.83
N HIS B 474 -3.82 10.73 34.04
CA HIS B 474 -2.71 11.32 34.77
C HIS B 474 -1.42 11.00 34.03
N SER B 475 -0.43 11.88 34.18
CA SER B 475 0.85 11.68 33.51
C SER B 475 1.47 10.34 33.93
N GLU B 476 2.01 9.61 32.94
CA GLU B 476 2.68 8.35 33.13
C GLU B 476 1.76 7.24 33.65
N GLU B 477 0.45 7.39 33.51
CA GLU B 477 -0.52 6.40 33.97
C GLU B 477 -1.57 6.10 32.90
N VAL B 478 -1.12 5.85 31.67
CA VAL B 478 -1.97 5.45 30.56
C VAL B 478 -1.34 4.23 29.90
N TYR B 479 -2.11 3.14 29.85
CA TYR B 479 -1.56 1.81 29.61
C TYR B 479 -2.24 1.13 28.42
N ASN B 480 -3.54 1.37 28.24
CA ASN B 480 -4.32 0.62 27.28
C ASN B 480 -4.56 1.45 26.02
N TRP B 481 -4.07 0.97 24.88
CA TRP B 481 -4.25 1.66 23.60
C TRP B 481 -5.38 1.09 22.75
N SER B 482 -6.17 0.16 23.27
CA SER B 482 -7.03 -0.67 22.41
C SER B 482 -8.06 0.16 21.64
N TYR B 483 -8.59 1.25 22.21
CA TYR B 483 -9.63 2.01 21.50
C TYR B 483 -9.07 2.76 20.30
N THR B 484 -7.78 3.13 20.31
CA THR B 484 -7.18 3.74 19.12
C THR B 484 -6.43 2.73 18.25
N SER B 485 -5.74 1.77 18.86
CA SER B 485 -4.89 0.88 18.06
C SER B 485 -5.70 -0.05 17.15
N LEU B 486 -6.97 -0.32 17.49
CA LEU B 486 -7.83 -1.09 16.62
C LEU B 486 -7.85 -0.52 15.20
N TRP B 487 -7.93 0.81 15.09
CA TRP B 487 -8.03 1.42 13.76
C TRP B 487 -6.68 1.60 13.07
N ASN B 488 -5.57 1.47 13.80
CA ASN B 488 -4.28 1.44 13.12
C ASN B 488 -4.08 0.12 12.39
N ILE B 489 -4.39 -1.00 13.05
CA ILE B 489 -4.23 -2.29 12.36
C ILE B 489 -5.24 -2.44 11.24
N LEU B 490 -6.50 -2.00 11.44
CA LEU B 490 -7.45 -1.98 10.34
C LEU B 490 -7.14 -0.90 9.31
N ASP B 491 -6.40 0.15 9.70
CA ASP B 491 -6.11 1.31 8.85
C ASP B 491 -7.39 1.89 8.23
N PHE B 492 -8.30 2.26 9.11
CA PHE B 492 -9.49 2.99 8.69
C PHE B 492 -9.30 4.45 9.01
N PRO B 493 -9.67 5.37 8.12
CA PRO B 493 -9.59 6.79 8.46
C PRO B 493 -10.50 7.12 9.64
N THR B 494 -9.96 7.82 10.64
CA THR B 494 -10.66 8.01 11.91
C THR B 494 -10.55 9.45 12.37
N LEU B 495 -11.70 10.09 12.55
CA LEU B 495 -11.78 11.45 13.06
C LEU B 495 -11.94 11.42 14.58
N SER B 496 -11.07 12.11 15.27
CA SER B 496 -11.19 12.36 16.70
C SER B 496 -11.83 13.74 16.87
N PHE B 497 -13.09 13.77 17.33
CA PHE B 497 -13.85 15.03 17.39
C PHE B 497 -14.35 15.28 18.81
N GLN B 498 -14.24 16.53 19.24
CA GLN B 498 -14.77 16.90 20.56
C GLN B 498 -16.30 16.86 20.57
N THR B 499 -16.87 16.41 21.68
CA THR B 499 -18.33 16.29 21.76
C THR B 499 -19.01 17.54 22.31
N GLY B 500 -18.24 18.50 22.82
CA GLY B 500 -18.79 19.61 23.59
C GLY B 500 -19.06 19.27 25.04
N ILE B 501 -18.89 18.00 25.44
CA ILE B 501 -19.17 17.52 26.78
C ILE B 501 -17.87 17.41 27.56
N PHE B 502 -17.94 17.67 28.87
CA PHE B 502 -16.79 17.75 29.76
C PHE B 502 -17.09 16.94 31.01
N GLN B 503 -16.04 16.35 31.60
CA GLN B 503 -16.25 15.58 32.82
C GLN B 503 -16.86 16.47 33.88
N ASP B 504 -17.80 15.89 34.64
CA ASP B 504 -18.54 16.60 35.69
C ASP B 504 -18.44 15.74 36.94
N PRO B 505 -17.71 16.16 37.97
CA PRO B 505 -17.54 15.31 39.16
C PRO B 505 -18.84 14.89 39.84
N THR B 506 -19.91 15.68 39.74
CA THR B 506 -21.13 15.33 40.44
C THR B 506 -21.86 14.20 39.72
N LYS B 507 -21.99 14.28 38.40
CA LYS B 507 -22.24 13.11 37.57
C LYS B 507 -20.94 12.32 37.51
N ASP B 508 -20.86 11.32 36.66
CA ASP B 508 -19.57 10.67 36.38
C ASP B 508 -18.94 10.07 37.65
N LYS B 509 -19.76 9.48 38.49
CA LYS B 509 -19.28 8.54 39.50
C LYS B 509 -19.66 7.14 39.05
N TRP B 510 -18.89 6.14 39.53
CA TRP B 510 -19.31 4.76 39.32
C TRP B 510 -20.65 4.54 40.01
N THR B 511 -21.58 3.88 39.33
CA THR B 511 -22.84 3.52 39.96
C THR B 511 -22.66 2.27 40.83
N GLU B 512 -23.73 1.87 41.51
CA GLU B 512 -23.63 0.75 42.44
C GLU B 512 -23.44 -0.57 41.71
N GLU B 513 -24.09 -0.73 40.55
CA GLU B 513 -23.89 -1.94 39.78
C GLU B 513 -22.47 -1.99 39.21
N ASP B 514 -21.95 -0.84 38.77
CA ASP B 514 -20.54 -0.73 38.38
C ASP B 514 -19.61 -1.35 39.42
N THR B 515 -19.93 -1.18 40.72
CA THR B 515 -19.06 -1.72 41.76
C THR B 515 -19.07 -3.24 41.81
N LYS B 516 -20.03 -3.88 41.15
CA LYS B 516 -20.13 -5.34 41.13
C LYS B 516 -19.49 -5.96 39.89
N TYR B 517 -18.82 -5.13 39.08
CA TYR B 517 -18.29 -5.59 37.81
C TYR B 517 -17.06 -6.47 37.99
N LYS B 518 -17.01 -7.55 37.23
CA LYS B 518 -15.92 -8.51 37.33
C LYS B 518 -14.91 -8.24 36.22
N TYR B 519 -13.69 -7.92 36.61
CA TYR B 519 -12.67 -7.52 35.66
C TYR B 519 -12.31 -8.68 34.73
N ARG B 520 -12.21 -8.39 33.43
CA ARG B 520 -11.81 -9.40 32.46
C ARG B 520 -10.32 -9.62 32.43
N SER B 521 -9.53 -8.71 32.98
CA SER B 521 -8.08 -8.81 32.83
C SER B 521 -7.41 -7.88 33.81
N LYS B 522 -6.13 -8.15 34.05
CA LYS B 522 -5.29 -7.26 34.85
C LYS B 522 -5.27 -5.84 34.27
N LEU B 523 -5.09 -5.71 32.95
CA LEU B 523 -4.98 -4.39 32.33
C LEU B 523 -6.26 -3.60 32.50
N GLU B 524 -7.42 -4.29 32.40
CA GLU B 524 -8.68 -3.59 32.59
C GLU B 524 -8.84 -3.13 34.04
N GLN B 525 -8.37 -3.93 34.99
CA GLN B 525 -8.42 -3.48 36.37
C GLN B 525 -7.44 -2.33 36.59
N LEU B 526 -6.23 -2.47 36.07
CA LEU B 526 -5.22 -1.42 36.18
C LEU B 526 -5.78 -0.08 35.73
N GLU B 527 -6.45 -0.05 34.57
CA GLU B 527 -6.99 1.19 34.06
C GLU B 527 -8.17 1.69 34.89
N ASN B 528 -9.14 0.81 35.18
CA ASN B 528 -10.39 1.29 35.78
C ASN B 528 -10.19 1.82 37.20
N GLU B 529 -9.30 1.21 37.97
CA GLU B 529 -9.12 1.66 39.36
C GLU B 529 -8.40 2.99 39.45
N ASN B 530 -7.80 3.46 38.35
CA ASN B 530 -7.22 4.80 38.38
C ASN B 530 -8.27 5.88 38.30
N TYR B 531 -9.51 5.55 37.97
CA TYR B 531 -10.54 6.55 37.83
C TYR B 531 -11.01 7.03 39.20
N ASP B 532 -11.14 8.34 39.35
CA ASP B 532 -11.60 9.00 40.57
C ASP B 532 -12.25 10.31 40.16
N PRO B 533 -13.56 10.48 40.41
CA PRO B 533 -14.26 11.67 39.92
C PRO B 533 -13.59 12.99 40.30
N SER B 534 -12.91 13.04 41.45
CA SER B 534 -12.36 14.30 41.91
C SER B 534 -11.00 14.63 41.31
N GLN B 535 -10.33 13.67 40.63
CA GLN B 535 -8.99 13.95 40.10
C GLN B 535 -8.96 14.05 38.57
N PHE B 536 -10.13 14.23 37.91
CA PHE B 536 -10.21 14.40 36.46
C PHE B 536 -11.18 15.51 36.07
N VAL B 537 -11.26 16.57 36.90
CA VAL B 537 -12.36 17.52 36.81
C VAL B 537 -12.33 18.27 35.48
N GLY B 538 -13.50 18.36 34.84
CA GLY B 538 -13.68 19.17 33.66
C GLY B 538 -12.94 18.74 32.40
N ALA B 539 -12.40 17.51 32.37
CA ALA B 539 -11.68 17.07 31.18
C ALA B 539 -12.64 16.94 29.99
N PRO B 540 -12.24 17.39 28.81
CA PRO B 540 -13.11 17.25 27.64
C PRO B 540 -13.19 15.80 27.17
N VAL B 541 -14.33 15.48 26.55
CA VAL B 541 -14.53 14.15 25.97
C VAL B 541 -14.50 14.30 24.46
N GLY B 542 -13.55 13.61 23.83
CA GLY B 542 -13.52 13.45 22.39
C GLY B 542 -13.86 12.01 22.04
N LEU B 543 -14.47 11.83 20.88
CA LEU B 543 -14.84 10.51 20.41
C LEU B 543 -14.26 10.29 19.02
N GLN B 544 -14.41 9.05 18.53
CA GLN B 544 -13.85 8.63 17.25
C GLN B 544 -14.95 8.30 16.27
N LEU B 545 -14.82 8.82 15.06
CA LEU B 545 -15.67 8.44 13.92
C LEU B 545 -14.76 7.79 12.89
N SER B 546 -15.02 6.51 12.60
CA SER B 546 -14.21 5.76 11.65
C SER B 546 -15.00 5.50 10.37
N GLY B 547 -14.32 5.64 9.22
CA GLY B 547 -14.89 5.32 7.93
C GLY B 547 -14.19 4.17 7.22
N LYS B 548 -14.75 3.81 6.06
CA LYS B 548 -14.11 2.81 5.21
C LYS B 548 -12.80 3.34 4.64
N ARG B 549 -11.87 2.42 4.36
CA ARG B 549 -10.55 2.81 3.88
C ARG B 549 -10.65 3.69 2.64
N TYR B 550 -9.87 4.79 2.64
CA TYR B 550 -9.79 5.77 1.56
C TYR B 550 -11.08 6.55 1.37
N PHE B 551 -12.01 6.50 2.33
CA PHE B 551 -13.15 7.42 2.37
C PHE B 551 -12.94 8.53 3.39
N ASP B 552 -11.69 9.01 3.53
CA ASP B 552 -11.43 10.11 4.45
C ASP B 552 -12.37 11.29 4.21
N GLU B 553 -12.62 11.61 2.93
CA GLU B 553 -13.43 12.79 2.61
C GLU B 553 -14.81 12.68 3.22
N GLU B 554 -15.39 11.48 3.22
CA GLU B 554 -16.71 11.29 3.81
C GLU B 554 -16.65 11.35 5.33
N VAL B 555 -15.53 10.92 5.93
CA VAL B 555 -15.39 11.00 7.38
C VAL B 555 -15.43 12.45 7.86
N LEU B 556 -14.71 13.34 7.17
CA LEU B 556 -14.70 14.75 7.55
C LEU B 556 -16.05 15.41 7.30
N ALA B 557 -16.66 15.16 6.13
CA ALA B 557 -17.96 15.74 5.82
C ALA B 557 -19.02 15.34 6.83
N ALA B 558 -19.05 14.08 7.22
CA ALA B 558 -19.96 13.70 8.29
C ALA B 558 -19.52 14.23 9.65
N GLY B 559 -18.22 14.51 9.82
CA GLY B 559 -17.77 15.11 11.06
C GLY B 559 -18.21 16.55 11.16
N LYS B 560 -18.22 17.25 10.02
CA LYS B 560 -18.83 18.57 9.96
C LYS B 560 -20.28 18.52 10.41
N ALA B 561 -21.02 17.51 9.95
CA ALA B 561 -22.43 17.43 10.27
C ALA B 561 -22.67 17.09 11.73
N ILE B 562 -21.90 16.16 12.27
CA ILE B 562 -22.15 15.72 13.64
C ILE B 562 -21.76 16.80 14.62
N VAL B 563 -20.64 17.47 14.37
CA VAL B 563 -20.18 18.54 15.23
C VAL B 563 -21.17 19.71 15.24
N ASP B 564 -21.89 19.91 14.14
CA ASP B 564 -22.87 20.98 14.13
C ASP B 564 -24.17 20.57 14.80
N LEU B 565 -24.61 19.31 14.61
CA LEU B 565 -25.75 18.81 15.36
C LEU B 565 -25.54 18.96 16.87
N LEU B 566 -24.32 18.70 17.34
CA LEU B 566 -24.01 18.88 18.76
C LEU B 566 -23.70 20.33 19.12
N GLY B 567 -23.64 21.23 18.14
CA GLY B 567 -23.38 22.63 18.43
C GLY B 567 -22.02 22.88 19.06
N VAL B 568 -20.99 22.16 18.61
CA VAL B 568 -19.65 22.25 19.18
C VAL B 568 -18.89 23.37 18.47
N ASP B 569 -18.52 24.41 19.20
CA ASP B 569 -17.72 25.50 18.66
C ASP B 569 -16.56 25.73 19.61
N LEU B 570 -15.36 25.30 19.21
CA LEU B 570 -14.19 25.41 20.07
C LEU B 570 -13.61 26.81 20.09
N TYR B 571 -14.07 27.68 19.19
CA TYR B 571 -13.71 29.09 19.26
C TYR B 571 -14.70 29.81 20.17
#